data_2L1Z
#
_entry.id   2L1Z
#
loop_
_entity.id
_entity.type
_entity.pdbx_description
1 polymer 'Insulin A chain'
2 polymer 'Insulin B chain'
#
loop_
_entity_poly.entity_id
_entity_poly.type
_entity_poly.pdbx_seq_one_letter_code
_entity_poly.pdbx_strand_id
1 'polypeptide(L)' GLLEQCCHSICSLYQLENYCN A
2 'polypeptide(L)' FVNQHLCGSDLVEALYLVCGERGFFYTKPT B
#
# COMPACT_ATOMS: atom_id res chain seq x y z
N GLY A 1 -5.28 -9.26 -4.39
CA GLY A 1 -5.75 -8.41 -3.21
C GLY A 1 -4.82 -7.43 -2.59
N LEU A 2 -3.93 -6.87 -3.36
CA LEU A 2 -2.97 -5.88 -2.78
C LEU A 2 -3.50 -4.47 -3.02
N LEU A 3 -3.66 -4.08 -4.26
CA LEU A 3 -4.18 -2.72 -4.56
C LEU A 3 -5.64 -2.81 -4.99
N GLU A 4 -6.15 -4.00 -5.15
CA GLU A 4 -7.58 -4.15 -5.57
C GLU A 4 -8.49 -3.60 -4.47
N GLN A 5 -8.16 -3.86 -3.22
CA GLN A 5 -9.01 -3.35 -2.11
C GLN A 5 -8.78 -1.85 -1.95
N CYS A 6 -7.64 -1.38 -2.33
CA CYS A 6 -7.34 0.07 -2.20
C CYS A 6 -7.71 0.78 -3.50
N CYS A 7 -7.73 0.05 -4.59
CA CYS A 7 -8.09 0.67 -5.90
C CYS A 7 -9.57 0.39 -6.18
N HIS A 8 -10.02 -0.79 -5.88
CA HIS A 8 -11.45 -1.14 -6.12
C HIS A 8 -12.26 -0.84 -4.85
N SER A 9 -11.62 -0.31 -3.84
CA SER A 9 -12.36 0.01 -2.58
C SER A 9 -11.45 0.82 -1.66
N ILE A 10 -11.60 0.66 -0.37
CA ILE A 10 -10.75 1.43 0.57
C ILE A 10 -9.98 0.44 1.47
N CYS A 11 -8.87 0.85 2.01
CA CYS A 11 -8.10 -0.06 2.89
C CYS A 11 -7.41 0.73 4.01
N SER A 12 -6.80 0.06 4.94
CA SER A 12 -6.12 0.78 6.05
C SER A 12 -4.63 0.42 6.04
N LEU A 13 -3.78 1.38 6.29
CA LEU A 13 -2.32 1.11 6.30
C LEU A 13 -2.01 -0.13 7.16
N TYR A 14 -2.90 -0.49 8.04
CA TYR A 14 -2.65 -1.67 8.90
C TYR A 14 -2.42 -2.90 8.03
N GLN A 15 -3.40 -3.31 7.31
CA GLN A 15 -3.25 -4.51 6.43
C GLN A 15 -2.24 -4.21 5.32
N LEU A 16 -2.00 -2.95 5.05
CA LEU A 16 -1.03 -2.60 3.98
C LEU A 16 0.38 -2.77 4.53
N GLU A 17 0.54 -2.70 5.82
CA GLU A 17 1.90 -2.87 6.41
C GLU A 17 2.36 -4.30 6.22
N ASN A 18 1.49 -5.17 5.75
CA ASN A 18 1.89 -6.59 5.55
C ASN A 18 2.54 -6.76 4.18
N TYR A 19 2.40 -5.78 3.32
CA TYR A 19 3.00 -5.89 1.97
C TYR A 19 4.45 -5.39 2.03
N CYS A 20 4.98 -5.25 3.21
CA CYS A 20 6.39 -4.77 3.35
C CYS A 20 7.30 -5.96 3.64
N ASN A 21 8.50 -5.94 3.13
CA ASN A 21 9.44 -7.07 3.38
C ASN A 21 9.88 -7.04 4.85
N PHE B 1 -4.18 5.52 9.02
CA PHE B 1 -5.09 6.41 8.25
C PHE B 1 -6.54 6.08 8.61
N VAL B 2 -7.47 6.39 7.75
CA VAL B 2 -8.89 6.10 8.03
C VAL B 2 -9.55 5.50 6.79
N ASN B 3 -10.19 6.32 6.00
CA ASN B 3 -10.85 5.80 4.76
C ASN B 3 -10.21 6.46 3.54
N GLN B 4 -9.37 5.76 2.84
CA GLN B 4 -8.71 6.35 1.63
C GLN B 4 -8.46 5.26 0.59
N HIS B 5 -8.74 5.54 -0.65
CA HIS B 5 -8.53 4.53 -1.71
C HIS B 5 -7.07 4.61 -2.21
N LEU B 6 -6.30 3.59 -1.95
CA LEU B 6 -4.88 3.60 -2.41
C LEU B 6 -4.78 2.84 -3.75
N CYS B 7 -4.02 3.36 -4.68
CA CYS B 7 -3.90 2.67 -6.00
C CYS B 7 -2.69 3.20 -6.76
N GLY B 8 -2.06 2.37 -7.54
CA GLY B 8 -0.87 2.83 -8.33
C GLY B 8 0.33 3.01 -7.38
N SER B 9 1.27 3.83 -7.76
CA SER B 9 2.46 4.07 -6.89
C SER B 9 2.00 4.56 -5.53
N ASP B 10 0.78 5.00 -5.42
CA ASP B 10 0.28 5.49 -4.11
C ASP B 10 0.42 4.37 -3.07
N LEU B 11 0.41 3.15 -3.51
CA LEU B 11 0.55 2.01 -2.57
C LEU B 11 1.93 2.08 -1.92
N VAL B 12 2.97 2.13 -2.70
CA VAL B 12 4.34 2.21 -2.12
C VAL B 12 4.45 3.47 -1.27
N GLU B 13 3.55 4.40 -1.45
CA GLU B 13 3.58 5.65 -0.64
C GLU B 13 3.14 5.28 0.77
N ALA B 14 2.07 4.55 0.87
CA ALA B 14 1.59 4.11 2.20
C ALA B 14 2.67 3.24 2.82
N LEU B 15 3.29 2.41 2.02
CA LEU B 15 4.38 1.54 2.54
C LEU B 15 5.61 2.40 2.78
N TYR B 16 5.90 3.27 1.88
CA TYR B 16 7.08 4.18 2.04
C TYR B 16 7.20 4.65 3.48
N LEU B 17 6.11 5.11 4.03
CA LEU B 17 6.15 5.65 5.42
C LEU B 17 6.17 4.52 6.46
N VAL B 18 5.24 3.61 6.42
CA VAL B 18 5.24 2.52 7.43
C VAL B 18 6.59 1.82 7.43
N CYS B 19 7.08 1.47 6.29
CA CYS B 19 8.39 0.79 6.20
C CYS B 19 9.42 1.76 5.62
N GLY B 20 9.28 2.10 4.37
CA GLY B 20 10.24 3.05 3.74
C GLY B 20 11.63 2.41 3.69
N GLU B 21 12.50 2.76 4.60
CA GLU B 21 13.86 2.18 4.59
C GLU B 21 13.77 0.67 4.76
N ARG B 22 12.63 0.16 5.15
CA ARG B 22 12.48 -1.30 5.34
C ARG B 22 12.29 -1.98 3.98
N GLY B 23 12.25 -1.22 2.92
CA GLY B 23 12.06 -1.82 1.57
C GLY B 23 10.77 -2.63 1.54
N PHE B 24 9.66 -1.99 1.30
CA PHE B 24 8.37 -2.72 1.25
C PHE B 24 8.41 -3.75 0.13
N PHE B 25 7.29 -4.32 -0.23
CA PHE B 25 7.28 -5.34 -1.31
C PHE B 25 6.01 -5.20 -2.14
N TYR B 26 5.48 -4.01 -2.26
CA TYR B 26 4.25 -3.82 -3.07
C TYR B 26 4.46 -4.45 -4.45
N THR B 27 3.48 -4.35 -5.26
CA THR B 27 3.58 -4.95 -6.63
C THR B 27 4.40 -4.04 -7.55
N LYS B 28 4.37 -4.29 -8.82
CA LYS B 28 5.15 -3.46 -9.78
C LYS B 28 4.20 -2.61 -10.64
N PRO B 29 4.80 -1.89 -11.55
CA PRO B 29 4.10 -0.99 -12.47
C PRO B 29 3.63 -1.75 -13.72
N THR B 30 2.36 -1.73 -14.01
CA THR B 30 1.86 -2.46 -15.21
C THR B 30 1.56 -1.45 -16.32
N GLY A 1 -5.35 -8.83 -5.42
CA GLY A 1 -5.04 -9.02 -3.94
C GLY A 1 -4.65 -7.83 -3.11
N LEU A 2 -3.90 -6.93 -3.69
CA LEU A 2 -3.48 -5.72 -2.91
C LEU A 2 -4.13 -4.48 -3.51
N LEU A 3 -3.47 -3.84 -4.44
CA LEU A 3 -4.05 -2.61 -5.06
C LEU A 3 -5.53 -2.87 -5.42
N GLU A 4 -5.89 -4.11 -5.60
CA GLU A 4 -7.31 -4.41 -5.93
C GLU A 4 -8.20 -4.02 -4.74
N GLN A 5 -7.62 -3.90 -3.58
CA GLN A 5 -8.43 -3.52 -2.38
C GLN A 5 -8.15 -2.06 -2.01
N CYS A 6 -7.00 -1.57 -2.36
CA CYS A 6 -6.66 -0.15 -2.02
C CYS A 6 -6.86 0.73 -3.27
N CYS A 7 -6.70 0.16 -4.43
CA CYS A 7 -6.90 0.97 -5.67
C CYS A 7 -8.38 0.92 -6.06
N HIS A 8 -9.08 -0.07 -5.59
CA HIS A 8 -10.53 -0.17 -5.91
C HIS A 8 -11.35 0.39 -4.74
N SER A 9 -10.77 0.40 -3.56
CA SER A 9 -11.50 0.93 -2.39
C SER A 9 -10.51 1.67 -1.47
N ILE A 10 -10.78 1.70 -0.20
CA ILE A 10 -9.86 2.40 0.75
C ILE A 10 -8.98 1.36 1.46
N CYS A 11 -7.79 1.75 1.83
CA CYS A 11 -6.88 0.79 2.52
C CYS A 11 -6.30 1.46 3.77
N SER A 12 -5.86 0.69 4.73
CA SER A 12 -5.29 1.28 5.97
C SER A 12 -3.79 0.95 6.05
N LEU A 13 -3.01 1.84 6.59
CA LEU A 13 -1.53 1.58 6.70
C LEU A 13 -1.32 0.26 7.45
N TYR A 14 -2.15 -0.04 8.41
CA TYR A 14 -1.98 -1.31 9.17
C TYR A 14 -2.17 -2.50 8.22
N GLN A 15 -3.11 -2.40 7.35
CA GLN A 15 -3.38 -3.52 6.39
C GLN A 15 -2.25 -3.62 5.38
N LEU A 16 -1.81 -2.51 4.86
CA LEU A 16 -0.71 -2.55 3.85
C LEU A 16 0.61 -2.85 4.55
N GLU A 17 0.60 -3.00 5.84
CA GLU A 17 1.86 -3.29 6.56
C GLU A 17 2.25 -4.75 6.33
N ASN A 18 1.47 -5.48 5.56
CA ASN A 18 1.81 -6.91 5.31
C ASN A 18 2.54 -7.04 3.97
N TYR A 19 2.46 -6.04 3.13
CA TYR A 19 3.14 -6.11 1.82
C TYR A 19 4.58 -5.61 1.96
N CYS A 20 5.08 -5.56 3.16
CA CYS A 20 6.48 -5.08 3.37
C CYS A 20 7.40 -6.27 3.64
N ASN A 21 8.68 -6.11 3.39
CA ASN A 21 9.63 -7.23 3.64
C ASN A 21 9.44 -7.75 5.07
N PHE B 1 -4.10 6.92 5.90
CA PHE B 1 -4.08 6.35 7.27
C PHE B 1 -5.47 5.82 7.61
N VAL B 2 -6.50 6.49 7.16
CA VAL B 2 -7.89 6.03 7.46
C VAL B 2 -8.70 6.01 6.16
N ASN B 3 -9.47 7.02 5.90
CA ASN B 3 -10.28 7.04 4.66
C ASN B 3 -9.43 7.61 3.51
N GLN B 4 -8.54 6.83 2.97
CA GLN B 4 -7.69 7.34 1.86
C GLN B 4 -7.62 6.28 0.75
N HIS B 5 -8.04 6.63 -0.44
CA HIS B 5 -8.01 5.66 -1.56
C HIS B 5 -6.56 5.53 -2.08
N LEU B 6 -6.04 4.33 -2.08
CA LEU B 6 -4.65 4.13 -2.57
C LEU B 6 -4.69 3.50 -3.96
N CYS B 7 -4.27 4.23 -4.96
CA CYS B 7 -4.28 3.67 -6.34
C CYS B 7 -2.92 3.87 -7.00
N GLY B 8 -2.43 2.88 -7.69
CA GLY B 8 -1.11 3.01 -8.38
C GLY B 8 0.01 3.07 -7.35
N SER B 9 0.95 3.96 -7.53
CA SER B 9 2.09 4.08 -6.58
C SER B 9 1.59 4.55 -5.21
N ASP B 10 0.33 4.88 -5.09
CA ASP B 10 -0.18 5.32 -3.77
C ASP B 10 0.05 4.20 -2.76
N LEU B 11 0.29 3.02 -3.25
CA LEU B 11 0.53 1.86 -2.36
C LEU B 11 1.93 2.00 -1.75
N VAL B 12 2.94 2.06 -2.58
CA VAL B 12 4.33 2.19 -2.07
C VAL B 12 4.44 3.48 -1.25
N GLU B 13 3.58 4.44 -1.50
CA GLU B 13 3.65 5.70 -0.73
C GLU B 13 3.15 5.39 0.68
N ALA B 14 2.06 4.68 0.75
CA ALA B 14 1.52 4.29 2.08
C ALA B 14 2.51 3.31 2.70
N LEU B 15 3.00 2.39 1.91
CA LEU B 15 3.98 1.41 2.43
C LEU B 15 5.26 2.17 2.76
N TYR B 16 5.60 3.12 1.95
CA TYR B 16 6.81 3.95 2.21
C TYR B 16 6.87 4.31 3.68
N LEU B 17 5.94 5.12 4.11
CA LEU B 17 5.91 5.58 5.51
C LEU B 17 5.94 4.40 6.50
N VAL B 18 5.08 3.43 6.37
CA VAL B 18 5.10 2.30 7.33
C VAL B 18 6.46 1.61 7.28
N CYS B 19 6.91 1.29 6.11
CA CYS B 19 8.22 0.62 5.97
C CYS B 19 9.20 1.58 5.30
N GLY B 20 9.00 1.87 4.04
CA GLY B 20 9.91 2.81 3.34
C GLY B 20 11.35 2.33 3.50
N GLU B 21 12.02 2.77 4.54
CA GLU B 21 13.43 2.35 4.76
C GLU B 21 13.50 0.82 4.87
N ARG B 22 12.40 0.19 5.17
CA ARG B 22 12.40 -1.28 5.28
C ARG B 22 12.15 -1.91 3.91
N GLY B 23 12.18 -1.13 2.87
CA GLY B 23 11.94 -1.68 1.51
C GLY B 23 10.65 -2.49 1.52
N PHE B 24 9.52 -1.85 1.36
CA PHE B 24 8.24 -2.60 1.35
C PHE B 24 8.22 -3.56 0.17
N PHE B 25 7.09 -4.12 -0.14
CA PHE B 25 7.02 -5.08 -1.29
C PHE B 25 5.57 -5.17 -1.79
N TYR B 26 5.00 -4.08 -2.19
CA TYR B 26 3.60 -4.10 -2.68
C TYR B 26 3.47 -5.04 -3.87
N THR B 27 2.60 -4.71 -4.78
CA THR B 27 2.42 -5.57 -5.99
C THR B 27 2.71 -4.75 -7.25
N LYS B 28 2.94 -5.41 -8.36
CA LYS B 28 3.22 -4.67 -9.62
C LYS B 28 2.01 -3.81 -10.00
N PRO B 29 2.13 -3.16 -11.13
CA PRO B 29 1.12 -2.25 -11.67
C PRO B 29 0.09 -3.03 -12.50
N THR B 30 -0.19 -4.25 -12.13
CA THR B 30 -1.18 -5.05 -12.90
C THR B 30 -0.54 -5.53 -14.20
N GLY A 1 -2.10 -7.72 -8.00
CA GLY A 1 -3.43 -7.04 -7.66
C GLY A 1 -3.79 -6.81 -6.24
N LEU A 2 -2.88 -6.27 -5.47
CA LEU A 2 -3.17 -6.02 -4.03
C LEU A 2 -3.87 -4.66 -3.89
N LEU A 3 -4.08 -3.97 -4.97
CA LEU A 3 -4.75 -2.64 -4.88
C LEU A 3 -6.26 -2.84 -4.83
N GLU A 4 -6.72 -4.01 -5.16
CA GLU A 4 -8.19 -4.27 -5.13
C GLU A 4 -8.76 -3.80 -3.80
N GLN A 5 -7.94 -3.69 -2.79
CA GLN A 5 -8.45 -3.24 -1.46
C GLN A 5 -8.53 -1.71 -1.40
N CYS A 6 -7.44 -1.05 -1.62
CA CYS A 6 -7.45 0.44 -1.57
C CYS A 6 -7.74 1.01 -2.96
N CYS A 7 -7.97 0.17 -3.93
CA CYS A 7 -8.27 0.69 -5.30
C CYS A 7 -9.77 0.52 -5.56
N HIS A 8 -10.26 -0.68 -5.51
CA HIS A 8 -11.71 -0.90 -5.74
C HIS A 8 -12.47 -0.52 -4.47
N SER A 9 -11.77 -0.39 -3.37
CA SER A 9 -12.43 -0.02 -2.09
C SER A 9 -11.41 0.73 -1.21
N ILE A 10 -11.67 0.80 0.07
CA ILE A 10 -10.73 1.50 0.98
C ILE A 10 -9.97 0.48 1.82
N CYS A 11 -8.76 0.79 2.21
CA CYS A 11 -7.98 -0.17 3.05
C CYS A 11 -7.08 0.59 4.01
N SER A 12 -7.01 0.16 5.24
CA SER A 12 -6.14 0.87 6.22
C SER A 12 -4.68 0.45 6.02
N LEU A 13 -3.76 1.30 6.37
CA LEU A 13 -2.33 0.95 6.19
C LEU A 13 -2.00 -0.31 6.98
N TYR A 14 -2.68 -0.55 8.06
CA TYR A 14 -2.41 -1.77 8.87
C TYR A 14 -2.37 -2.99 7.96
N GLN A 15 -3.41 -3.20 7.22
CA GLN A 15 -3.46 -4.37 6.31
C GLN A 15 -2.55 -4.11 5.10
N LEU A 16 -2.32 -2.88 4.78
CA LEU A 16 -1.44 -2.56 3.63
C LEU A 16 0.02 -2.75 4.06
N GLU A 17 0.28 -2.61 5.32
CA GLU A 17 1.68 -2.79 5.81
C GLU A 17 2.06 -4.27 5.72
N ASN A 18 1.12 -5.12 5.40
CA ASN A 18 1.43 -6.56 5.29
C ASN A 18 2.28 -6.81 4.04
N TYR A 19 2.34 -5.85 3.16
CA TYR A 19 3.15 -6.02 1.93
C TYR A 19 4.61 -5.76 2.24
N CYS A 20 4.91 -4.71 2.96
CA CYS A 20 6.33 -4.41 3.30
C CYS A 20 7.05 -5.70 3.70
N ASN A 21 8.34 -5.74 3.54
CA ASN A 21 9.09 -6.97 3.91
C ASN A 21 9.53 -6.89 5.37
N PHE B 1 -4.29 5.24 7.23
CA PHE B 1 -5.45 6.18 7.27
C PHE B 1 -6.75 5.36 7.37
N VAL B 2 -7.84 5.93 6.91
CA VAL B 2 -9.13 5.20 6.97
C VAL B 2 -9.84 5.28 5.61
N ASN B 3 -10.78 6.17 5.46
CA ASN B 3 -11.48 6.29 4.15
C ASN B 3 -10.49 6.76 3.08
N GLN B 4 -9.59 5.90 2.67
CA GLN B 4 -8.60 6.29 1.64
C GLN B 4 -8.54 5.24 0.53
N HIS B 5 -8.68 5.66 -0.71
CA HIS B 5 -8.62 4.72 -1.83
C HIS B 5 -7.21 4.71 -2.42
N LEU B 6 -6.33 3.92 -1.87
CA LEU B 6 -4.94 3.87 -2.40
C LEU B 6 -4.88 3.01 -3.66
N CYS B 7 -4.15 3.44 -4.66
CA CYS B 7 -4.05 2.65 -5.92
C CYS B 7 -2.90 3.19 -6.77
N GLY B 8 -2.18 2.33 -7.42
CA GLY B 8 -1.04 2.80 -8.27
C GLY B 8 0.20 3.01 -7.40
N SER B 9 1.12 3.82 -7.83
CA SER B 9 2.36 4.06 -7.02
C SER B 9 1.95 4.46 -5.60
N ASP B 10 0.74 4.93 -5.43
CA ASP B 10 0.28 5.33 -4.08
C ASP B 10 0.47 4.15 -3.12
N LEU B 11 0.46 2.96 -3.65
CA LEU B 11 0.65 1.77 -2.79
C LEU B 11 2.04 1.82 -2.16
N VAL B 12 3.05 1.92 -2.97
CA VAL B 12 4.43 1.99 -2.42
C VAL B 12 4.55 3.22 -1.52
N GLU B 13 3.67 4.17 -1.68
CA GLU B 13 3.73 5.37 -0.81
C GLU B 13 3.25 4.97 0.57
N ALA B 14 2.14 4.27 0.63
CA ALA B 14 1.63 3.81 1.94
C ALA B 14 2.73 2.98 2.61
N LEU B 15 3.46 2.24 1.82
CA LEU B 15 4.56 1.41 2.39
C LEU B 15 5.78 2.31 2.59
N TYR B 16 6.07 3.13 1.62
CA TYR B 16 7.24 4.05 1.71
C TYR B 16 7.39 4.61 3.12
N LEU B 17 6.30 4.79 3.83
CA LEU B 17 6.40 5.39 5.19
C LEU B 17 6.21 4.34 6.29
N VAL B 18 5.16 3.57 6.23
CA VAL B 18 4.92 2.56 7.29
C VAL B 18 6.23 1.85 7.63
N CYS B 19 6.95 1.45 6.63
CA CYS B 19 8.24 0.76 6.86
C CYS B 19 9.37 1.75 6.70
N GLY B 20 9.39 2.45 5.59
CA GLY B 20 10.46 3.46 5.38
C GLY B 20 11.59 2.84 4.56
N GLU B 21 12.82 3.06 4.96
CA GLU B 21 13.96 2.50 4.21
C GLU B 21 14.01 0.97 4.41
N ARG B 22 13.19 0.46 5.29
CA ARG B 22 13.21 -1.01 5.52
C ARG B 22 12.99 -1.74 4.19
N GLY B 23 12.47 -1.05 3.20
CA GLY B 23 12.25 -1.69 1.88
C GLY B 23 10.88 -2.39 1.88
N PHE B 24 9.88 -1.75 1.34
CA PHE B 24 8.53 -2.36 1.31
C PHE B 24 8.50 -3.47 0.25
N PHE B 25 7.34 -3.98 -0.07
CA PHE B 25 7.26 -5.07 -1.09
C PHE B 25 6.30 -4.65 -2.20
N TYR B 26 5.04 -4.65 -1.93
CA TYR B 26 4.05 -4.26 -2.98
C TYR B 26 4.37 -5.03 -4.25
N THR B 27 3.62 -4.77 -5.27
CA THR B 27 3.82 -5.48 -6.56
C THR B 27 4.71 -4.67 -7.50
N LYS B 28 5.01 -5.21 -8.65
CA LYS B 28 5.88 -4.50 -9.62
C LYS B 28 5.06 -3.40 -10.32
N PRO B 29 5.66 -2.82 -11.33
CA PRO B 29 5.07 -1.73 -12.11
C PRO B 29 4.22 -2.30 -13.26
N THR B 30 3.30 -1.52 -13.77
CA THR B 30 2.45 -2.01 -14.88
C THR B 30 3.06 -1.60 -16.22
N GLY A 1 -6.11 -9.14 -2.73
CA GLY A 1 -4.70 -8.92 -3.27
C GLY A 1 -3.92 -7.74 -2.81
N LEU A 2 -3.51 -6.90 -3.72
CA LEU A 2 -2.72 -5.69 -3.32
C LEU A 2 -3.55 -4.43 -3.57
N LEU A 3 -4.00 -4.24 -4.79
CA LEU A 3 -4.80 -3.05 -5.11
C LEU A 3 -6.29 -3.41 -5.02
N GLU A 4 -6.61 -4.60 -5.43
CA GLU A 4 -8.03 -5.05 -5.39
C GLU A 4 -8.69 -4.59 -4.08
N GLN A 5 -7.92 -4.41 -3.04
CA GLN A 5 -8.52 -3.97 -1.74
C GLN A 5 -8.23 -2.49 -1.50
N CYS A 6 -7.25 -1.96 -2.15
CA CYS A 6 -6.91 -0.52 -1.94
C CYS A 6 -7.41 0.31 -3.13
N CYS A 7 -7.52 -0.29 -4.28
CA CYS A 7 -8.00 0.47 -5.47
C CYS A 7 -9.52 0.28 -5.62
N HIS A 8 -9.98 -0.94 -5.54
CA HIS A 8 -11.44 -1.19 -5.67
C HIS A 8 -12.13 -0.78 -4.37
N SER A 9 -11.38 -0.56 -3.33
CA SER A 9 -11.98 -0.16 -2.03
C SER A 9 -10.95 0.64 -1.22
N ILE A 10 -11.28 0.99 -0.01
CA ILE A 10 -10.32 1.76 0.82
C ILE A 10 -9.34 0.80 1.50
N CYS A 11 -8.09 1.16 1.59
CA CYS A 11 -7.10 0.26 2.23
C CYS A 11 -6.60 0.89 3.54
N SER A 12 -6.50 0.10 4.57
CA SER A 12 -6.03 0.65 5.88
C SER A 12 -4.51 0.50 5.98
N LEU A 13 -3.83 1.51 6.45
CA LEU A 13 -2.36 1.42 6.57
C LEU A 13 -1.98 0.16 7.35
N TYR A 14 -2.77 -0.20 8.32
CA TYR A 14 -2.47 -1.42 9.12
C TYR A 14 -2.42 -2.63 8.20
N GLN A 15 -3.48 -2.87 7.49
CA GLN A 15 -3.50 -4.04 6.56
C GLN A 15 -2.68 -3.71 5.31
N LEU A 16 -2.41 -2.45 5.09
CA LEU A 16 -1.60 -2.07 3.90
C LEU A 16 -0.13 -2.36 4.19
N GLU A 17 0.24 -2.35 5.44
CA GLU A 17 1.66 -2.62 5.80
C GLU A 17 1.96 -4.11 5.58
N ASN A 18 0.97 -4.88 5.21
CA ASN A 18 1.20 -6.33 5.00
C ASN A 18 2.04 -6.54 3.73
N TYR A 19 2.03 -5.57 2.84
CA TYR A 19 2.82 -5.70 1.60
C TYR A 19 4.31 -5.60 1.92
N CYS A 20 4.68 -4.80 2.87
CA CYS A 20 6.12 -4.65 3.24
C CYS A 20 6.65 -6.02 3.68
N ASN A 21 7.95 -6.19 3.65
CA ASN A 21 8.54 -7.50 4.06
C ASN A 21 8.43 -7.64 5.58
N PHE B 1 -3.97 9.12 9.33
CA PHE B 1 -4.19 9.00 7.87
C PHE B 1 -5.69 9.12 7.57
N VAL B 2 -6.08 8.78 6.37
CA VAL B 2 -7.53 8.89 6.02
C VAL B 2 -7.96 7.65 5.22
N ASN B 3 -9.23 7.47 5.04
CA ASN B 3 -9.71 6.28 4.27
C ASN B 3 -9.87 6.68 2.80
N GLN B 4 -9.11 6.07 1.93
CA GLN B 4 -9.22 6.41 0.49
C GLN B 4 -8.67 5.26 -0.37
N HIS B 5 -9.00 5.24 -1.63
CA HIS B 5 -8.51 4.15 -2.51
C HIS B 5 -7.04 4.41 -2.88
N LEU B 6 -6.22 3.41 -2.79
CA LEU B 6 -4.78 3.58 -3.13
C LEU B 6 -4.48 2.85 -4.44
N CYS B 7 -3.87 3.51 -5.38
CA CYS B 7 -3.56 2.85 -6.68
C CYS B 7 -2.30 3.48 -7.29
N GLY B 8 -1.52 2.71 -7.98
CA GLY B 8 -0.29 3.27 -8.61
C GLY B 8 0.78 3.47 -7.54
N SER B 9 1.53 4.53 -7.62
CA SER B 9 2.60 4.79 -6.61
C SER B 9 1.94 5.09 -5.25
N ASP B 10 0.64 5.23 -5.22
CA ASP B 10 -0.04 5.52 -3.93
C ASP B 10 0.23 4.38 -2.96
N LEU B 11 0.46 3.20 -3.47
CA LEU B 11 0.73 2.03 -2.57
C LEU B 11 2.12 2.19 -1.95
N VAL B 12 3.15 2.21 -2.77
CA VAL B 12 4.52 2.35 -2.21
C VAL B 12 4.59 3.59 -1.33
N GLU B 13 3.66 4.50 -1.47
CA GLU B 13 3.68 5.71 -0.61
C GLU B 13 3.27 5.29 0.79
N ALA B 14 2.17 4.58 0.88
CA ALA B 14 1.71 4.09 2.19
C ALA B 14 2.80 3.22 2.77
N LEU B 15 3.43 2.44 1.93
CA LEU B 15 4.53 1.56 2.42
C LEU B 15 5.77 2.42 2.67
N TYR B 16 6.03 3.33 1.79
CA TYR B 16 7.21 4.23 1.94
C TYR B 16 7.40 4.64 3.40
N LEU B 17 6.34 5.08 4.03
CA LEU B 17 6.47 5.55 5.44
C LEU B 17 6.38 4.41 6.45
N VAL B 18 5.42 3.52 6.33
CA VAL B 18 5.32 2.43 7.32
C VAL B 18 6.63 1.66 7.39
N CYS B 19 7.17 1.30 6.26
CA CYS B 19 8.45 0.55 6.24
C CYS B 19 9.56 1.47 5.70
N GLY B 20 9.40 1.96 4.50
CA GLY B 20 10.43 2.87 3.92
C GLY B 20 11.81 2.20 3.98
N GLU B 21 12.58 2.51 5.00
CA GLU B 21 13.93 1.91 5.11
C GLU B 21 13.82 0.38 5.12
N ARG B 22 12.65 -0.14 5.38
CA ARG B 22 12.49 -1.62 5.41
C ARG B 22 12.23 -2.13 3.99
N GLY B 23 12.46 -1.31 3.00
CA GLY B 23 12.23 -1.74 1.60
C GLY B 23 10.89 -2.48 1.52
N PHE B 24 9.82 -1.78 1.31
CA PHE B 24 8.50 -2.43 1.21
C PHE B 24 8.48 -3.40 0.02
N PHE B 25 7.36 -4.02 -0.23
CA PHE B 25 7.28 -4.98 -1.37
C PHE B 25 6.32 -4.43 -2.42
N TYR B 26 5.06 -4.45 -2.13
CA TYR B 26 4.05 -3.93 -3.11
C TYR B 26 4.26 -4.65 -4.44
N THR B 27 3.43 -4.33 -5.37
CA THR B 27 3.48 -4.98 -6.70
C THR B 27 4.60 -4.35 -7.54
N LYS B 28 4.56 -4.51 -8.85
CA LYS B 28 5.61 -3.92 -9.71
C LYS B 28 4.98 -3.26 -10.94
N PRO B 29 5.83 -2.77 -11.80
CA PRO B 29 5.42 -2.08 -13.02
C PRO B 29 5.22 -3.08 -14.16
N THR B 30 4.03 -3.16 -14.69
CA THR B 30 3.76 -4.13 -15.80
C THR B 30 2.55 -3.66 -16.60
N GLY A 1 -5.61 -8.71 -4.02
CA GLY A 1 -5.03 -8.53 -2.61
C GLY A 1 -4.07 -7.41 -2.36
N LEU A 2 -3.77 -6.64 -3.37
CA LEU A 2 -2.82 -5.50 -3.17
C LEU A 2 -3.48 -4.21 -3.66
N LEU A 3 -4.05 -4.24 -4.83
CA LEU A 3 -4.71 -3.01 -5.36
C LEU A 3 -6.22 -3.23 -5.40
N GLU A 4 -6.64 -4.46 -5.47
CA GLU A 4 -8.09 -4.77 -5.51
C GLU A 4 -8.74 -4.41 -4.17
N GLN A 5 -7.93 -4.13 -3.17
CA GLN A 5 -8.50 -3.78 -1.84
C GLN A 5 -8.36 -2.29 -1.59
N CYS A 6 -7.35 -1.69 -2.16
CA CYS A 6 -7.15 -0.22 -1.97
C CYS A 6 -7.55 0.51 -3.25
N CYS A 7 -7.64 -0.18 -4.35
CA CYS A 7 -8.03 0.49 -5.62
C CYS A 7 -9.55 0.35 -5.82
N HIS A 8 -10.10 -0.76 -5.41
CA HIS A 8 -11.57 -0.97 -5.57
C HIS A 8 -12.29 -0.49 -4.31
N SER A 9 -11.56 -0.32 -3.23
CA SER A 9 -12.20 0.13 -1.96
C SER A 9 -11.19 0.94 -1.16
N ILE A 10 -11.48 1.20 0.08
CA ILE A 10 -10.52 1.98 0.93
C ILE A 10 -9.53 1.03 1.60
N CYS A 11 -8.34 1.49 1.88
CA CYS A 11 -7.34 0.61 2.53
C CYS A 11 -6.83 1.28 3.81
N SER A 12 -5.88 0.67 4.47
CA SER A 12 -5.35 1.26 5.73
C SER A 12 -3.87 0.89 5.89
N LEU A 13 -3.03 1.84 6.15
CA LEU A 13 -1.59 1.55 6.31
C LEU A 13 -1.42 0.31 7.20
N TYR A 14 -2.33 0.10 8.10
CA TYR A 14 -2.22 -1.08 9.00
C TYR A 14 -2.28 -2.36 8.17
N GLN A 15 -3.40 -2.59 7.53
CA GLN A 15 -3.54 -3.81 6.69
C GLN A 15 -2.69 -3.67 5.44
N LEU A 16 -2.34 -2.47 5.08
CA LEU A 16 -1.50 -2.26 3.86
C LEU A 16 -0.05 -2.62 4.19
N GLU A 17 0.30 -2.56 5.44
CA GLU A 17 1.69 -2.89 5.83
C GLU A 17 1.94 -4.39 5.61
N ASN A 18 0.90 -5.13 5.33
CA ASN A 18 1.07 -6.59 5.10
C ASN A 18 1.85 -6.82 3.80
N TYR A 19 2.06 -5.79 3.04
CA TYR A 19 2.81 -5.95 1.76
C TYR A 19 4.30 -5.72 2.01
N CYS A 20 4.63 -4.81 2.88
CA CYS A 20 6.07 -4.54 3.18
C CYS A 20 6.77 -5.84 3.56
N ASN A 21 8.06 -5.91 3.39
CA ASN A 21 8.79 -7.15 3.75
C ASN A 21 8.31 -7.67 5.11
N PHE B 1 -6.43 8.37 9.43
CA PHE B 1 -6.32 8.80 8.02
C PHE B 1 -7.71 9.11 7.45
N VAL B 2 -7.81 9.29 6.17
CA VAL B 2 -9.15 9.59 5.57
C VAL B 2 -9.52 8.48 4.58
N ASN B 3 -10.75 8.04 4.60
CA ASN B 3 -11.17 6.96 3.67
C ASN B 3 -10.65 7.27 2.27
N GLN B 4 -9.55 6.67 1.90
CA GLN B 4 -8.98 6.93 0.54
C GLN B 4 -8.60 5.59 -0.11
N HIS B 5 -8.80 5.47 -1.39
CA HIS B 5 -8.45 4.20 -2.09
C HIS B 5 -7.08 4.34 -2.76
N LEU B 6 -6.13 3.54 -2.36
CA LEU B 6 -4.77 3.63 -2.97
C LEU B 6 -4.75 2.88 -4.30
N CYS B 7 -3.83 3.22 -5.16
CA CYS B 7 -3.76 2.54 -6.48
C CYS B 7 -2.56 3.08 -7.27
N GLY B 8 -1.51 2.31 -7.36
CA GLY B 8 -0.31 2.78 -8.12
C GLY B 8 0.79 3.18 -7.13
N SER B 9 1.66 4.07 -7.52
CA SER B 9 2.76 4.51 -6.60
C SER B 9 2.17 4.86 -5.24
N ASP B 10 0.92 5.19 -5.20
CA ASP B 10 0.28 5.53 -3.91
C ASP B 10 0.41 4.34 -2.95
N LEU B 11 0.59 3.18 -3.49
CA LEU B 11 0.74 1.97 -2.64
C LEU B 11 2.06 2.04 -1.89
N VAL B 12 3.15 2.23 -2.58
CA VAL B 12 4.46 2.31 -1.88
C VAL B 12 4.44 3.51 -0.95
N GLU B 13 3.50 4.41 -1.12
CA GLU B 13 3.43 5.59 -0.23
C GLU B 13 2.96 5.11 1.13
N ALA B 14 1.96 4.27 1.14
CA ALA B 14 1.46 3.73 2.42
C ALA B 14 2.59 2.92 3.06
N LEU B 15 3.30 2.16 2.27
CA LEU B 15 4.43 1.35 2.80
C LEU B 15 5.58 2.30 3.13
N TYR B 16 5.83 3.24 2.26
CA TYR B 16 6.92 4.22 2.50
C TYR B 16 6.96 4.64 3.96
N LEU B 17 5.95 5.35 4.38
CA LEU B 17 5.88 5.86 5.76
C LEU B 17 5.90 4.72 6.79
N VAL B 18 5.16 3.66 6.59
CA VAL B 18 5.18 2.57 7.62
C VAL B 18 6.52 1.85 7.55
N CYS B 19 6.93 1.48 6.38
CA CYS B 19 8.22 0.78 6.21
C CYS B 19 9.24 1.75 5.62
N GLY B 20 9.08 2.09 4.37
CA GLY B 20 10.02 3.04 3.74
C GLY B 20 11.37 2.36 3.45
N GLU B 21 12.41 2.81 4.07
CA GLU B 21 13.75 2.20 3.83
C GLU B 21 13.70 0.70 4.14
N ARG B 22 12.69 0.25 4.83
CA ARG B 22 12.59 -1.19 5.15
C ARG B 22 12.54 -1.99 3.85
N GLY B 23 12.26 -1.34 2.76
CA GLY B 23 12.20 -2.06 1.45
C GLY B 23 10.89 -2.86 1.36
N PHE B 24 9.78 -2.18 1.26
CA PHE B 24 8.49 -2.89 1.17
C PHE B 24 8.53 -3.89 0.01
N PHE B 25 7.55 -4.75 -0.09
CA PHE B 25 7.54 -5.74 -1.20
C PHE B 25 6.41 -5.41 -2.18
N TYR B 26 6.14 -4.15 -2.38
CA TYR B 26 5.05 -3.77 -3.33
C TYR B 26 5.48 -4.08 -4.75
N THR B 27 4.58 -3.97 -5.67
CA THR B 27 4.91 -4.25 -7.09
C THR B 27 5.65 -3.06 -7.70
N LYS B 28 5.75 -3.00 -9.00
CA LYS B 28 6.45 -1.86 -9.65
C LYS B 28 5.44 -0.75 -9.97
N PRO B 29 5.91 0.29 -10.60
CA PRO B 29 5.10 1.46 -10.96
C PRO B 29 4.41 1.23 -12.31
N THR B 30 3.18 0.79 -12.30
CA THR B 30 2.46 0.55 -13.58
C THR B 30 2.58 1.80 -14.47
N GLY A 1 -2.83 -6.75 -7.74
CA GLY A 1 -2.78 -7.39 -6.35
C GLY A 1 -3.37 -6.67 -5.19
N LEU A 2 -2.65 -5.70 -4.67
CA LEU A 2 -3.18 -4.93 -3.50
C LEU A 2 -3.92 -3.68 -3.99
N LEU A 3 -4.34 -3.69 -5.23
CA LEU A 3 -5.06 -2.50 -5.77
C LEU A 3 -6.55 -2.82 -5.85
N GLU A 4 -6.87 -4.05 -6.11
CA GLU A 4 -8.29 -4.46 -6.20
C GLU A 4 -8.95 -4.25 -4.84
N GLN A 5 -8.17 -4.09 -3.80
CA GLN A 5 -8.75 -3.89 -2.45
C GLN A 5 -8.59 -2.42 -2.04
N CYS A 6 -7.66 -1.74 -2.63
CA CYS A 6 -7.43 -0.31 -2.29
C CYS A 6 -8.04 0.58 -3.38
N CYS A 7 -8.11 0.08 -4.59
CA CYS A 7 -8.70 0.89 -5.69
C CYS A 7 -10.20 0.64 -5.75
N HIS A 8 -10.61 -0.57 -5.49
CA HIS A 8 -12.06 -0.89 -5.52
C HIS A 8 -12.67 -0.58 -4.16
N SER A 9 -11.94 0.11 -3.31
CA SER A 9 -12.47 0.44 -1.97
C SER A 9 -11.34 1.00 -1.11
N ILE A 10 -11.63 1.44 0.08
CA ILE A 10 -10.56 1.99 0.96
C ILE A 10 -9.86 0.84 1.69
N CYS A 11 -8.68 1.08 2.19
CA CYS A 11 -7.94 0.00 2.92
C CYS A 11 -7.18 0.60 4.09
N SER A 12 -7.01 -0.14 5.16
CA SER A 12 -6.28 0.39 6.33
C SER A 12 -4.78 0.23 6.12
N LEU A 13 -4.04 1.30 6.21
CA LEU A 13 -2.56 1.20 6.02
C LEU A 13 -2.01 0.12 6.94
N TYR A 14 -2.55 -0.01 8.12
CA TYR A 14 -2.06 -1.05 9.06
C TYR A 14 -1.90 -2.37 8.32
N GLN A 15 -2.97 -2.89 7.81
CA GLN A 15 -2.90 -4.18 7.06
C GLN A 15 -1.99 -4.02 5.86
N LEU A 16 -1.82 -2.81 5.39
CA LEU A 16 -0.93 -2.59 4.22
C LEU A 16 0.53 -2.69 4.68
N GLU A 17 0.76 -2.48 5.95
CA GLU A 17 2.15 -2.56 6.47
C GLU A 17 2.66 -3.99 6.28
N ASN A 18 1.79 -4.94 6.14
CA ASN A 18 2.24 -6.35 5.95
C ASN A 18 2.73 -6.55 4.51
N TYR A 19 2.69 -5.53 3.70
CA TYR A 19 3.16 -5.67 2.30
C TYR A 19 4.54 -5.04 2.16
N CYS A 20 5.15 -4.66 3.25
CA CYS A 20 6.51 -4.05 3.18
C CYS A 20 7.56 -5.06 3.63
N ASN A 21 8.61 -5.24 2.87
CA ASN A 21 9.66 -6.21 3.27
C ASN A 21 10.13 -5.91 4.69
N PHE B 1 -6.92 4.50 10.49
CA PHE B 1 -6.81 5.62 9.51
C PHE B 1 -8.21 5.99 9.00
N VAL B 2 -8.28 6.78 7.97
CA VAL B 2 -9.61 7.17 7.42
C VAL B 2 -9.64 6.98 5.91
N ASN B 3 -10.38 7.79 5.20
CA ASN B 3 -10.43 7.64 3.72
C ASN B 3 -9.02 7.44 3.18
N GLN B 4 -8.69 6.25 2.73
CA GLN B 4 -7.33 6.01 2.20
C GLN B 4 -7.43 5.21 0.88
N HIS B 5 -7.63 5.88 -0.22
CA HIS B 5 -7.73 5.16 -1.52
C HIS B 5 -6.33 4.87 -2.05
N LEU B 6 -5.94 3.62 -2.11
CA LEU B 6 -4.60 3.28 -2.62
C LEU B 6 -4.73 2.67 -4.02
N CYS B 7 -4.07 3.23 -5.00
CA CYS B 7 -4.17 2.67 -6.37
C CYS B 7 -2.93 3.04 -7.19
N GLY B 8 -1.99 2.13 -7.27
CA GLY B 8 -0.75 2.43 -8.05
C GLY B 8 0.40 2.75 -7.10
N SER B 9 1.21 3.73 -7.44
CA SER B 9 2.35 4.09 -6.55
C SER B 9 1.83 4.48 -5.17
N ASP B 10 0.56 4.74 -5.06
CA ASP B 10 -0.01 5.12 -3.74
C ASP B 10 0.28 3.99 -2.76
N LEU B 11 0.44 2.80 -3.27
CA LEU B 11 0.75 1.65 -2.39
C LEU B 11 2.16 1.80 -1.85
N VAL B 12 3.12 1.97 -2.71
CA VAL B 12 4.52 2.13 -2.24
C VAL B 12 4.60 3.39 -1.38
N GLU B 13 3.62 4.24 -1.49
CA GLU B 13 3.63 5.48 -0.67
C GLU B 13 3.18 5.11 0.74
N ALA B 14 2.03 4.51 0.85
CA ALA B 14 1.56 4.09 2.19
C ALA B 14 2.65 3.22 2.82
N LEU B 15 3.32 2.46 1.99
CA LEU B 15 4.41 1.58 2.50
C LEU B 15 5.67 2.42 2.71
N TYR B 16 6.00 3.24 1.76
CA TYR B 16 7.21 4.10 1.89
C TYR B 16 7.33 4.63 3.32
N LEU B 17 6.22 4.82 3.98
CA LEU B 17 6.27 5.36 5.37
C LEU B 17 6.25 4.23 6.40
N VAL B 18 5.19 3.47 6.45
CA VAL B 18 5.12 2.37 7.47
C VAL B 18 6.47 1.64 7.52
N CYS B 19 6.97 1.27 6.39
CA CYS B 19 8.28 0.56 6.34
C CYS B 19 9.30 1.47 5.67
N GLY B 20 9.19 1.65 4.38
CA GLY B 20 10.14 2.53 3.66
C GLY B 20 11.58 2.07 3.92
N GLU B 21 12.17 2.49 5.01
CA GLU B 21 13.57 2.10 5.32
C GLU B 21 13.73 0.60 5.12
N ARG B 22 12.71 -0.15 5.41
CA ARG B 22 12.79 -1.62 5.25
C ARG B 22 12.47 -1.99 3.80
N GLY B 23 12.50 -1.05 2.91
CA GLY B 23 12.19 -1.35 1.48
C GLY B 23 10.93 -2.20 1.41
N PHE B 24 9.79 -1.59 1.24
CA PHE B 24 8.53 -2.36 1.17
C PHE B 24 8.59 -3.35 0.02
N PHE B 25 7.52 -4.04 -0.25
CA PHE B 25 7.52 -5.03 -1.36
C PHE B 25 6.09 -5.23 -1.86
N TYR B 26 5.43 -4.16 -2.23
CA TYR B 26 4.04 -4.29 -2.73
C TYR B 26 3.99 -5.20 -3.95
N THR B 27 3.09 -4.96 -4.86
CA THR B 27 2.99 -5.80 -6.08
C THR B 27 3.57 -5.06 -7.27
N LYS B 28 4.21 -5.76 -8.18
CA LYS B 28 4.80 -5.09 -9.35
C LYS B 28 3.71 -4.27 -10.06
N PRO B 29 4.02 -3.74 -11.22
CA PRO B 29 3.11 -2.91 -12.00
C PRO B 29 2.19 -3.79 -12.86
N THR B 30 1.03 -3.30 -13.22
CA THR B 30 0.10 -4.11 -14.05
C THR B 30 -0.96 -3.19 -14.67
N GLY A 1 -5.63 -8.33 -4.85
CA GLY A 1 -4.84 -8.41 -3.55
C GLY A 1 -4.28 -7.16 -2.96
N LEU A 2 -3.79 -6.27 -3.78
CA LEU A 2 -3.21 -4.99 -3.26
C LEU A 2 -4.00 -3.81 -3.84
N LEU A 3 -4.31 -3.86 -5.10
CA LEU A 3 -5.08 -2.74 -5.72
C LEU A 3 -6.56 -3.11 -5.77
N GLU A 4 -6.84 -4.29 -6.24
CA GLU A 4 -8.25 -4.74 -6.32
C GLU A 4 -8.97 -4.36 -5.02
N GLN A 5 -8.25 -4.28 -3.93
CA GLN A 5 -8.89 -3.90 -2.64
C GLN A 5 -8.52 -2.48 -2.25
N CYS A 6 -7.25 -2.21 -2.15
CA CYS A 6 -6.80 -0.83 -1.77
C CYS A 6 -7.08 0.15 -2.90
N CYS A 7 -7.20 -0.32 -4.12
CA CYS A 7 -7.48 0.60 -5.26
C CYS A 7 -8.97 0.56 -5.57
N HIS A 8 -9.50 -0.60 -5.86
CA HIS A 8 -10.95 -0.70 -6.17
C HIS A 8 -11.73 0.05 -5.09
N SER A 9 -11.16 0.17 -3.93
CA SER A 9 -11.86 0.89 -2.81
C SER A 9 -10.82 1.45 -1.85
N ILE A 10 -11.13 1.49 -0.59
CA ILE A 10 -10.15 2.01 0.40
C ILE A 10 -9.47 0.85 1.12
N CYS A 11 -8.23 1.00 1.50
CA CYS A 11 -7.53 -0.11 2.21
C CYS A 11 -7.23 0.33 3.64
N SER A 12 -6.60 -0.52 4.41
CA SER A 12 -6.28 -0.15 5.82
C SER A 12 -4.77 -0.09 5.99
N LEU A 13 -4.26 1.00 6.50
CA LEU A 13 -2.80 1.12 6.70
C LEU A 13 -2.30 -0.04 7.56
N TYR A 14 -3.12 -0.51 8.46
CA TYR A 14 -2.70 -1.64 9.33
C TYR A 14 -2.47 -2.89 8.48
N GLN A 15 -3.43 -3.23 7.68
CA GLN A 15 -3.28 -4.44 6.81
C GLN A 15 -2.36 -4.10 5.64
N LEU A 16 -2.14 -2.84 5.37
CA LEU A 16 -1.24 -2.47 4.25
C LEU A 16 0.21 -2.66 4.69
N GLU A 17 0.45 -2.67 5.97
CA GLU A 17 1.84 -2.86 6.46
C GLU A 17 2.26 -4.31 6.24
N ASN A 18 1.32 -5.18 5.96
CA ASN A 18 1.67 -6.61 5.73
C ASN A 18 2.31 -6.77 4.34
N TYR A 19 2.41 -5.70 3.60
CA TYR A 19 3.03 -5.80 2.25
C TYR A 19 4.46 -5.25 2.31
N CYS A 20 5.03 -5.19 3.48
CA CYS A 20 6.42 -4.66 3.60
C CYS A 20 7.39 -5.83 3.81
N ASN A 21 8.34 -5.99 2.93
CA ASN A 21 9.32 -7.10 3.08
C ASN A 21 8.57 -8.42 3.29
N PHE B 1 -3.58 9.32 9.50
CA PHE B 1 -4.37 9.77 8.33
C PHE B 1 -5.79 9.18 8.40
N VAL B 2 -6.40 8.98 7.27
CA VAL B 2 -7.79 8.41 7.27
C VAL B 2 -7.94 7.41 6.13
N ASN B 3 -9.15 7.07 5.78
CA ASN B 3 -9.36 6.10 4.68
C ASN B 3 -8.95 6.75 3.35
N GLN B 4 -8.43 5.98 2.43
CA GLN B 4 -8.01 6.56 1.12
C GLN B 4 -7.91 5.46 0.07
N HIS B 5 -7.96 5.81 -1.19
CA HIS B 5 -7.84 4.78 -2.26
C HIS B 5 -6.38 4.64 -2.67
N LEU B 6 -5.86 3.45 -2.65
CA LEU B 6 -4.44 3.25 -3.04
C LEU B 6 -4.36 2.69 -4.46
N CYS B 7 -3.53 3.24 -5.29
CA CYS B 7 -3.41 2.74 -6.68
C CYS B 7 -2.17 3.34 -7.34
N GLY B 8 -1.36 2.51 -7.95
CA GLY B 8 -0.13 3.03 -8.61
C GLY B 8 0.97 3.20 -7.57
N SER B 9 1.86 4.14 -7.78
CA SER B 9 2.97 4.35 -6.80
C SER B 9 2.37 4.74 -5.45
N ASP B 10 1.12 5.08 -5.42
CA ASP B 10 0.49 5.46 -4.12
C ASP B 10 0.67 4.32 -3.12
N LEU B 11 0.74 3.11 -3.62
CA LEU B 11 0.93 1.95 -2.71
C LEU B 11 2.27 2.07 -1.99
N VAL B 12 3.35 2.22 -2.72
CA VAL B 12 4.68 2.33 -2.06
C VAL B 12 4.69 3.59 -1.21
N GLU B 13 3.74 4.46 -1.41
CA GLU B 13 3.67 5.71 -0.59
C GLU B 13 3.19 5.30 0.80
N ALA B 14 2.14 4.54 0.85
CA ALA B 14 1.62 4.07 2.15
C ALA B 14 2.72 3.21 2.80
N LEU B 15 3.36 2.39 2.01
CA LEU B 15 4.45 1.54 2.55
C LEU B 15 5.66 2.44 2.83
N TYR B 16 5.87 3.41 1.98
CA TYR B 16 7.01 4.34 2.18
C TYR B 16 7.14 4.73 3.65
N LEU B 17 6.13 5.36 4.17
CA LEU B 17 6.17 5.83 5.58
C LEU B 17 6.10 4.68 6.59
N VAL B 18 5.22 3.73 6.42
CA VAL B 18 5.16 2.62 7.43
C VAL B 18 6.51 1.93 7.53
N CYS B 19 7.07 1.59 6.42
CA CYS B 19 8.40 0.91 6.42
C CYS B 19 9.46 1.89 5.92
N GLY B 20 9.38 2.26 4.67
CA GLY B 20 10.37 3.22 4.12
C GLY B 20 11.57 2.47 3.53
N GLU B 21 12.75 2.83 3.91
CA GLU B 21 13.96 2.15 3.37
C GLU B 21 13.93 0.67 3.75
N ARG B 22 13.06 0.29 4.65
CA ARG B 22 13.00 -1.14 5.07
C ARG B 22 12.83 -2.01 3.82
N GLY B 23 12.38 -1.45 2.74
CA GLY B 23 12.20 -2.25 1.49
C GLY B 23 10.82 -2.90 1.49
N PHE B 24 9.79 -2.13 1.30
CA PHE B 24 8.42 -2.69 1.29
C PHE B 24 8.23 -3.55 0.03
N PHE B 25 7.19 -4.32 -0.02
CA PHE B 25 6.95 -5.17 -1.22
C PHE B 25 5.50 -5.01 -1.68
N TYR B 26 5.13 -3.85 -2.15
CA TYR B 26 3.75 -3.63 -2.62
C TYR B 26 3.43 -4.60 -3.76
N THR B 27 2.60 -4.20 -4.68
CA THR B 27 2.25 -5.11 -5.81
C THR B 27 3.07 -4.75 -7.05
N LYS B 28 3.35 -5.70 -7.90
CA LYS B 28 4.14 -5.40 -9.12
C LYS B 28 3.48 -4.24 -9.88
N PRO B 29 4.01 -3.94 -11.03
CA PRO B 29 3.52 -2.84 -11.87
C PRO B 29 2.39 -3.34 -12.78
N THR B 30 2.08 -2.61 -13.81
CA THR B 30 1.00 -3.04 -14.74
C THR B 30 1.59 -3.83 -15.90
N GLY A 1 -1.70 -6.76 -7.47
CA GLY A 1 -2.04 -7.82 -6.43
C GLY A 1 -2.80 -7.43 -5.21
N LEU A 2 -2.60 -6.23 -4.73
CA LEU A 2 -3.33 -5.78 -3.52
C LEU A 2 -3.98 -4.43 -3.78
N LEU A 3 -4.49 -4.22 -4.96
CA LEU A 3 -5.14 -2.92 -5.28
C LEU A 3 -6.64 -3.12 -5.39
N GLU A 4 -7.06 -4.33 -5.61
CA GLU A 4 -8.52 -4.60 -5.72
C GLU A 4 -9.21 -4.25 -4.39
N GLN A 5 -8.46 -4.23 -3.32
CA GLN A 5 -9.07 -3.90 -2.00
C GLN A 5 -8.67 -2.48 -1.57
N CYS A 6 -7.57 -2.00 -2.04
CA CYS A 6 -7.12 -0.63 -1.66
C CYS A 6 -7.40 0.35 -2.80
N CYS A 7 -7.49 -0.14 -4.01
CA CYS A 7 -7.76 0.76 -5.16
C CYS A 7 -9.27 0.78 -5.45
N HIS A 8 -9.88 -0.38 -5.47
CA HIS A 8 -11.34 -0.43 -5.74
C HIS A 8 -12.10 -0.02 -4.47
N SER A 9 -11.47 -0.14 -3.34
CA SER A 9 -12.15 0.25 -2.07
C SER A 9 -11.15 0.98 -1.17
N ILE A 10 -11.27 0.83 0.12
CA ILE A 10 -10.32 1.52 1.05
C ILE A 10 -9.53 0.48 1.85
N CYS A 11 -8.26 0.69 2.03
CA CYS A 11 -7.45 -0.27 2.81
C CYS A 11 -7.02 0.36 4.14
N SER A 12 -6.78 -0.44 5.14
CA SER A 12 -6.36 0.12 6.46
C SER A 12 -4.83 0.13 6.55
N LEU A 13 -4.26 1.25 6.89
CA LEU A 13 -2.79 1.34 7.00
C LEU A 13 -2.25 0.12 7.78
N TYR A 14 -3.05 -0.42 8.65
CA TYR A 14 -2.59 -1.60 9.44
C TYR A 14 -2.34 -2.79 8.50
N GLN A 15 -3.25 -3.04 7.62
CA GLN A 15 -3.08 -4.16 6.67
C GLN A 15 -2.13 -3.73 5.56
N LEU A 16 -1.90 -2.44 5.44
CA LEU A 16 -0.99 -1.92 4.40
C LEU A 16 0.45 -2.17 4.85
N GLU A 17 0.65 -2.33 6.12
CA GLU A 17 2.03 -2.57 6.62
C GLU A 17 2.45 -4.00 6.29
N ASN A 18 1.50 -4.84 5.95
CA ASN A 18 1.85 -6.25 5.61
C ASN A 18 2.43 -6.31 4.20
N TYR A 19 2.36 -5.24 3.46
CA TYR A 19 2.91 -5.25 2.08
C TYR A 19 4.37 -4.81 2.12
N CYS A 20 4.86 -4.39 3.24
CA CYS A 20 6.28 -3.95 3.33
C CYS A 20 7.11 -5.02 4.05
N ASN A 21 8.35 -5.16 3.68
CA ASN A 21 9.22 -6.18 4.34
C ASN A 21 9.01 -6.11 5.86
N PHE B 1 -3.15 5.82 4.59
CA PHE B 1 -3.42 5.55 6.03
C PHE B 1 -4.72 4.74 6.15
N VAL B 2 -5.81 5.42 6.38
CA VAL B 2 -7.11 4.70 6.52
C VAL B 2 -8.21 5.50 5.82
N ASN B 3 -9.34 4.89 5.59
CA ASN B 3 -10.45 5.62 4.91
C ASN B 3 -9.92 6.29 3.64
N GLN B 4 -8.97 5.67 2.98
CA GLN B 4 -8.42 6.27 1.73
C GLN B 4 -8.22 5.18 0.69
N HIS B 5 -8.24 5.53 -0.57
CA HIS B 5 -8.05 4.51 -1.64
C HIS B 5 -6.59 4.53 -2.12
N LEU B 6 -5.98 3.39 -2.24
CA LEU B 6 -4.57 3.34 -2.70
C LEU B 6 -4.52 2.77 -4.13
N CYS B 7 -3.59 3.22 -4.92
CA CYS B 7 -3.52 2.71 -6.32
C CYS B 7 -2.26 3.27 -7.00
N GLY B 8 -1.65 2.48 -7.85
CA GLY B 8 -0.42 2.96 -8.57
C GLY B 8 0.74 3.07 -7.60
N SER B 9 1.72 3.89 -7.92
CA SER B 9 2.88 4.05 -7.00
C SER B 9 2.40 4.52 -5.63
N ASP B 10 1.18 4.99 -5.55
CA ASP B 10 0.66 5.44 -4.24
C ASP B 10 0.81 4.30 -3.24
N LEU B 11 0.87 3.09 -3.73
CA LEU B 11 1.03 1.92 -2.83
C LEU B 11 2.40 2.02 -2.14
N VAL B 12 3.42 2.30 -2.89
CA VAL B 12 4.77 2.42 -2.28
C VAL B 12 4.77 3.64 -1.35
N GLU B 13 3.83 4.52 -1.52
CA GLU B 13 3.76 5.71 -0.63
C GLU B 13 3.21 5.24 0.71
N ALA B 14 2.09 4.58 0.69
CA ALA B 14 1.52 4.06 1.95
C ALA B 14 2.57 3.17 2.62
N LEU B 15 3.36 2.51 1.81
CA LEU B 15 4.42 1.63 2.37
C LEU B 15 5.61 2.49 2.77
N TYR B 16 6.01 3.37 1.89
CA TYR B 16 7.17 4.27 2.19
C TYR B 16 7.12 4.72 3.64
N LEU B 17 5.95 4.86 4.19
CA LEU B 17 5.84 5.34 5.60
C LEU B 17 5.74 4.17 6.57
N VAL B 18 4.74 3.36 6.45
CA VAL B 18 4.59 2.21 7.39
C VAL B 18 5.95 1.55 7.63
N CYS B 19 6.64 1.27 6.57
CA CYS B 19 7.98 0.63 6.70
C CYS B 19 9.05 1.62 6.29
N GLY B 20 9.07 2.02 5.04
CA GLY B 20 10.09 3.01 4.59
C GLY B 20 11.32 2.28 4.07
N GLU B 21 12.48 2.62 4.57
CA GLU B 21 13.72 1.96 4.10
C GLU B 21 13.59 0.44 4.25
N ARG B 22 12.67 0.00 5.06
CA ARG B 22 12.49 -1.47 5.25
C ARG B 22 12.46 -2.16 3.88
N GLY B 23 12.12 -1.44 2.85
CA GLY B 23 12.08 -2.06 1.49
C GLY B 23 10.72 -2.73 1.27
N PHE B 24 9.75 -1.98 0.82
CA PHE B 24 8.41 -2.58 0.58
C PHE B 24 8.43 -3.40 -0.71
N PHE B 25 7.84 -4.56 -0.69
CA PHE B 25 7.83 -5.42 -1.90
C PHE B 25 6.54 -5.19 -2.69
N TYR B 26 6.05 -3.98 -2.72
CA TYR B 26 4.80 -3.71 -3.47
C TYR B 26 4.88 -4.39 -4.84
N THR B 27 3.79 -4.41 -5.54
CA THR B 27 3.77 -5.06 -6.88
C THR B 27 4.36 -4.12 -7.94
N LYS B 28 3.88 -4.21 -9.14
CA LYS B 28 4.40 -3.33 -10.22
C LYS B 28 3.22 -2.71 -10.99
N PRO B 29 3.53 -1.96 -12.02
CA PRO B 29 2.53 -1.27 -12.85
C PRO B 29 2.00 -2.20 -13.95
N THR B 30 2.01 -3.49 -13.72
CA THR B 30 1.52 -4.43 -14.75
C THR B 30 0.74 -5.57 -14.07
N GLY A 1 -3.99 -8.04 -7.12
CA GLY A 1 -3.46 -8.19 -5.70
C GLY A 1 -4.03 -7.36 -4.61
N LEU A 2 -3.30 -6.36 -4.16
CA LEU A 2 -3.82 -5.50 -3.06
C LEU A 2 -4.02 -4.08 -3.61
N LEU A 3 -4.21 -3.95 -4.89
CA LEU A 3 -4.41 -2.59 -5.47
C LEU A 3 -5.89 -2.41 -5.79
N GLU A 4 -6.52 -3.44 -6.27
CA GLU A 4 -7.96 -3.37 -6.60
C GLU A 4 -8.77 -3.17 -5.32
N GLN A 5 -8.41 -3.87 -4.27
CA GLN A 5 -9.16 -3.72 -2.99
C GLN A 5 -8.86 -2.35 -2.38
N CYS A 6 -7.78 -1.75 -2.76
CA CYS A 6 -7.43 -0.42 -2.21
C CYS A 6 -7.80 0.68 -3.21
N CYS A 7 -7.69 0.39 -4.47
CA CYS A 7 -8.04 1.41 -5.50
C CYS A 7 -9.52 1.32 -5.80
N HIS A 8 -10.07 0.14 -5.71
CA HIS A 8 -11.52 -0.04 -5.98
C HIS A 8 -12.28 -0.02 -4.64
N SER A 9 -11.64 0.44 -3.60
CA SER A 9 -12.31 0.49 -2.27
C SER A 9 -11.36 1.12 -1.25
N ILE A 10 -11.60 0.90 0.02
CA ILE A 10 -10.70 1.49 1.05
C ILE A 10 -10.05 0.36 1.86
N CYS A 11 -8.83 0.56 2.30
CA CYS A 11 -8.15 -0.49 3.10
C CYS A 11 -7.48 0.15 4.33
N SER A 12 -7.14 -0.65 5.30
CA SER A 12 -6.50 -0.09 6.53
C SER A 12 -4.97 -0.14 6.38
N LEU A 13 -4.30 0.93 6.73
CA LEU A 13 -2.83 0.95 6.63
C LEU A 13 -2.23 -0.14 7.52
N TYR A 14 -2.90 -0.48 8.59
CA TYR A 14 -2.36 -1.53 9.49
C TYR A 14 -2.14 -2.81 8.70
N GLN A 15 -3.14 -3.24 7.98
CA GLN A 15 -2.99 -4.49 7.18
C GLN A 15 -2.16 -4.19 5.93
N LEU A 16 -1.96 -2.94 5.63
CA LEU A 16 -1.14 -2.59 4.44
C LEU A 16 0.33 -2.77 4.77
N GLU A 17 0.67 -2.68 6.03
CA GLU A 17 2.08 -2.85 6.43
C GLU A 17 2.52 -4.30 6.17
N ASN A 18 1.58 -5.16 5.90
CA ASN A 18 1.93 -6.59 5.63
C ASN A 18 2.52 -6.71 4.23
N TYR A 19 2.52 -5.65 3.48
CA TYR A 19 3.09 -5.70 2.09
C TYR A 19 4.54 -5.23 2.12
N CYS A 20 5.10 -5.06 3.28
CA CYS A 20 6.52 -4.61 3.36
C CYS A 20 7.45 -5.82 3.50
N ASN A 21 8.65 -5.73 3.02
CA ASN A 21 9.60 -6.88 3.13
C ASN A 21 9.51 -7.48 4.54
N PHE B 1 -5.19 9.16 6.55
CA PHE B 1 -4.73 7.76 6.34
C PHE B 1 -5.93 6.82 6.43
N VAL B 2 -6.94 7.21 7.13
CA VAL B 2 -8.15 6.35 7.26
C VAL B 2 -9.16 6.72 6.17
N ASN B 3 -9.96 5.78 5.76
CA ASN B 3 -10.97 6.08 4.69
C ASN B 3 -10.25 6.51 3.42
N GLN B 4 -9.12 5.90 3.12
CA GLN B 4 -8.38 6.28 1.89
C GLN B 4 -8.26 5.07 0.96
N HIS B 5 -8.20 5.30 -0.32
CA HIS B 5 -8.10 4.17 -1.29
C HIS B 5 -6.67 4.09 -1.83
N LEU B 6 -5.97 3.02 -1.56
CA LEU B 6 -4.58 2.89 -2.06
C LEU B 6 -4.60 2.40 -3.51
N CYS B 7 -3.46 2.30 -4.13
CA CYS B 7 -3.44 1.83 -5.55
C CYS B 7 -2.03 1.34 -5.91
N GLY B 8 -1.67 1.41 -7.16
CA GLY B 8 -0.31 0.94 -7.58
C GLY B 8 0.77 1.75 -6.86
N SER B 9 1.51 2.54 -7.59
CA SER B 9 2.59 3.35 -6.95
C SER B 9 2.07 3.95 -5.65
N ASP B 10 0.79 4.17 -5.55
CA ASP B 10 0.22 4.75 -4.32
C ASP B 10 0.45 3.78 -3.16
N LEU B 11 0.45 2.50 -3.45
CA LEU B 11 0.68 1.49 -2.37
C LEU B 11 2.06 1.72 -1.75
N VAL B 12 3.07 1.90 -2.56
CA VAL B 12 4.43 2.13 -2.00
C VAL B 12 4.42 3.41 -1.17
N GLU B 13 3.42 4.22 -1.33
CA GLU B 13 3.35 5.48 -0.52
C GLU B 13 2.98 5.09 0.90
N ALA B 14 1.92 4.33 1.04
CA ALA B 14 1.52 3.88 2.38
C ALA B 14 2.68 3.09 2.98
N LEU B 15 3.28 2.24 2.19
CA LEU B 15 4.43 1.45 2.69
C LEU B 15 5.63 2.38 2.87
N TYR B 16 5.77 3.32 1.99
CA TYR B 16 6.90 4.28 2.08
C TYR B 16 7.12 4.70 3.53
N LEU B 17 6.10 5.26 4.13
CA LEU B 17 6.24 5.76 5.52
C LEU B 17 6.33 4.61 6.54
N VAL B 18 5.45 3.64 6.47
CA VAL B 18 5.52 2.54 7.49
C VAL B 18 6.89 1.87 7.42
N CYS B 19 7.33 1.55 6.26
CA CYS B 19 8.66 0.91 6.10
C CYS B 19 9.64 1.90 5.49
N GLY B 20 9.42 2.28 4.26
CA GLY B 20 10.33 3.25 3.61
C GLY B 20 11.75 2.70 3.58
N GLU B 21 12.50 2.88 4.63
CA GLU B 21 13.90 2.37 4.66
C GLU B 21 13.86 0.84 4.78
N ARG B 22 12.73 0.28 5.11
CA ARG B 22 12.63 -1.19 5.24
C ARG B 22 12.42 -1.81 3.85
N GLY B 23 12.48 -1.02 2.83
CA GLY B 23 12.28 -1.57 1.46
C GLY B 23 10.98 -2.36 1.41
N PHE B 24 9.88 -1.71 1.16
CA PHE B 24 8.58 -2.43 1.09
C PHE B 24 8.55 -3.32 -0.15
N PHE B 25 7.51 -4.10 -0.31
CA PHE B 25 7.42 -4.99 -1.51
C PHE B 25 5.96 -5.16 -1.92
N TYR B 26 5.27 -4.09 -2.18
CA TYR B 26 3.85 -4.19 -2.59
C TYR B 26 3.72 -5.04 -3.85
N THR B 27 2.73 -4.77 -4.66
CA THR B 27 2.56 -5.57 -5.91
C THR B 27 3.04 -4.76 -7.11
N LYS B 28 2.58 -5.08 -8.29
CA LYS B 28 3.01 -4.32 -9.50
C LYS B 28 1.82 -3.55 -10.07
N PRO B 29 2.06 -2.87 -11.17
CA PRO B 29 1.05 -2.05 -11.85
C PRO B 29 0.24 -2.89 -12.84
N THR B 30 0.69 -4.09 -13.13
CA THR B 30 -0.04 -4.96 -14.08
C THR B 30 0.66 -6.32 -14.17
N GLY A 1 -5.83 -8.98 -3.08
CA GLY A 1 -6.00 -8.00 -1.93
C GLY A 1 -4.98 -6.94 -1.70
N LEU A 2 -4.41 -6.42 -2.75
CA LEU A 2 -3.38 -5.36 -2.60
C LEU A 2 -3.83 -4.10 -3.34
N LEU A 3 -4.14 -4.23 -4.60
CA LEU A 3 -4.59 -3.05 -5.39
C LEU A 3 -6.10 -3.15 -5.59
N GLU A 4 -6.59 -4.33 -5.77
CA GLU A 4 -8.05 -4.52 -5.98
C GLU A 4 -8.81 -4.15 -4.70
N GLN A 5 -8.10 -4.04 -3.60
CA GLN A 5 -8.79 -3.68 -2.32
C GLN A 5 -8.48 -2.24 -1.96
N CYS A 6 -7.38 -1.72 -2.43
CA CYS A 6 -7.02 -0.31 -2.12
C CYS A 6 -7.27 0.56 -3.35
N CYS A 7 -7.11 0.03 -4.52
CA CYS A 7 -7.33 0.83 -5.76
C CYS A 7 -8.82 0.79 -6.10
N HIS A 8 -9.51 -0.23 -5.68
CA HIS A 8 -10.96 -0.33 -5.97
C HIS A 8 -11.75 -0.03 -4.68
N SER A 9 -11.11 -0.17 -3.55
CA SER A 9 -11.80 0.10 -2.26
C SER A 9 -10.78 0.63 -1.25
N ILE A 10 -11.21 0.96 -0.07
CA ILE A 10 -10.27 1.49 0.95
C ILE A 10 -9.74 0.31 1.80
N CYS A 11 -8.52 0.39 2.24
CA CYS A 11 -7.95 -0.71 3.07
C CYS A 11 -7.37 -0.12 4.36
N SER A 12 -7.23 -0.92 5.38
CA SER A 12 -6.68 -0.40 6.67
C SER A 12 -5.15 -0.31 6.58
N LEU A 13 -4.60 0.84 6.88
CA LEU A 13 -3.11 0.98 6.82
C LEU A 13 -2.46 -0.16 7.58
N TYR A 14 -3.12 -0.65 8.60
CA TYR A 14 -2.53 -1.77 9.39
C TYR A 14 -2.32 -2.98 8.47
N GLN A 15 -3.32 -3.33 7.72
CA GLN A 15 -3.19 -4.49 6.80
C GLN A 15 -2.36 -4.08 5.58
N LEU A 16 -2.17 -2.81 5.39
CA LEU A 16 -1.36 -2.34 4.22
C LEU A 16 0.12 -2.54 4.54
N GLU A 17 0.46 -2.64 5.79
CA GLU A 17 1.88 -2.85 6.18
C GLU A 17 2.28 -4.29 5.88
N ASN A 18 1.34 -5.12 5.53
CA ASN A 18 1.66 -6.55 5.23
C ASN A 18 2.32 -6.64 3.85
N TYR A 19 2.37 -5.56 3.13
CA TYR A 19 3.00 -5.59 1.78
C TYR A 19 4.46 -5.17 1.89
N CYS A 20 4.98 -5.12 3.09
CA CYS A 20 6.41 -4.71 3.26
C CYS A 20 7.25 -5.95 3.53
N ASN A 21 8.40 -6.05 2.92
CA ASN A 21 9.28 -7.24 3.14
C ASN A 21 9.71 -7.28 4.61
N PHE B 1 -5.50 7.43 10.69
CA PHE B 1 -5.96 7.52 9.28
C PHE B 1 -7.44 7.10 9.21
N VAL B 2 -7.97 6.95 8.02
CA VAL B 2 -9.40 6.54 7.89
C VAL B 2 -9.64 5.93 6.51
N ASN B 3 -10.16 6.69 5.59
CA ASN B 3 -10.42 6.14 4.23
C ASN B 3 -9.20 6.39 3.33
N GLN B 4 -8.32 5.43 3.25
CA GLN B 4 -7.10 5.61 2.40
C GLN B 4 -7.23 4.77 1.12
N HIS B 5 -7.23 5.41 -0.02
CA HIS B 5 -7.34 4.64 -1.30
C HIS B 5 -5.95 4.45 -1.90
N LEU B 6 -5.41 3.26 -1.84
CA LEU B 6 -4.06 3.02 -2.40
C LEU B 6 -4.18 2.27 -3.72
N CYS B 7 -3.55 2.76 -4.76
CA CYS B 7 -3.64 2.08 -6.07
C CYS B 7 -2.30 1.43 -6.43
N GLY B 8 -1.49 2.10 -7.19
CA GLY B 8 -0.17 1.52 -7.58
C GLY B 8 0.96 2.27 -6.88
N SER B 9 1.69 3.07 -7.61
CA SER B 9 2.82 3.82 -6.99
C SER B 9 2.37 4.41 -5.64
N ASP B 10 1.11 4.66 -5.50
CA ASP B 10 0.60 5.22 -4.22
C ASP B 10 0.84 4.20 -3.11
N LEU B 11 0.74 2.94 -3.43
CA LEU B 11 0.97 1.89 -2.41
C LEU B 11 2.33 2.09 -1.75
N VAL B 12 3.36 2.28 -2.54
CA VAL B 12 4.71 2.49 -1.95
C VAL B 12 4.69 3.74 -1.09
N GLU B 13 3.68 4.55 -1.20
CA GLU B 13 3.61 5.77 -0.36
C GLU B 13 3.19 5.35 1.03
N ALA B 14 2.14 4.61 1.12
CA ALA B 14 1.68 4.12 2.45
C ALA B 14 2.79 3.24 3.04
N LEU B 15 3.37 2.41 2.21
CA LEU B 15 4.47 1.54 2.69
C LEU B 15 5.67 2.43 3.01
N TYR B 16 5.92 3.39 2.18
CA TYR B 16 7.06 4.33 2.41
C TYR B 16 7.16 4.68 3.89
N LEU B 17 6.21 5.45 4.36
CA LEU B 17 6.23 5.91 5.76
C LEU B 17 6.24 4.74 6.76
N VAL B 18 5.50 3.69 6.53
CA VAL B 18 5.52 2.57 7.51
C VAL B 18 6.85 1.83 7.42
N CYS B 19 7.24 1.50 6.23
CA CYS B 19 8.53 0.79 6.04
C CYS B 19 9.53 1.74 5.37
N GLY B 20 9.24 2.17 4.17
CA GLY B 20 10.15 3.10 3.47
C GLY B 20 11.57 2.51 3.45
N GLU B 21 12.43 3.00 4.31
CA GLU B 21 13.83 2.48 4.35
C GLU B 21 13.81 0.97 4.56
N ARG B 22 12.71 0.43 5.02
CA ARG B 22 12.64 -1.04 5.25
C ARG B 22 12.33 -1.74 3.92
N GLY B 23 12.20 -1.00 2.86
CA GLY B 23 11.90 -1.63 1.54
C GLY B 23 10.55 -2.36 1.62
N PHE B 24 9.67 -2.10 0.70
CA PHE B 24 8.34 -2.77 0.72
C PHE B 24 8.27 -3.80 -0.41
N PHE B 25 7.15 -4.46 -0.55
CA PHE B 25 7.02 -5.48 -1.62
C PHE B 25 5.62 -5.40 -2.24
N TYR B 26 5.14 -4.20 -2.47
CA TYR B 26 3.79 -4.04 -3.07
C TYR B 26 3.75 -4.75 -4.43
N THR B 27 2.95 -4.25 -5.33
CA THR B 27 2.87 -4.89 -6.68
C THR B 27 3.69 -4.08 -7.68
N LYS B 28 4.52 -4.73 -8.44
CA LYS B 28 5.36 -4.01 -9.42
C LYS B 28 4.45 -3.16 -10.33
N PRO B 29 5.03 -2.59 -11.36
CA PRO B 29 4.30 -1.72 -12.31
C PRO B 29 3.64 -2.57 -13.40
N THR B 30 2.39 -2.31 -13.70
CA THR B 30 1.70 -3.10 -14.74
C THR B 30 1.12 -2.15 -15.80
N GLY A 1 -2.87 -9.29 -5.59
CA GLY A 1 -2.44 -7.83 -5.51
C GLY A 1 -2.89 -6.99 -4.37
N LEU A 2 -2.42 -5.78 -4.29
CA LEU A 2 -2.84 -4.89 -3.16
C LEU A 2 -3.62 -3.70 -3.72
N LEU A 3 -4.14 -3.83 -4.91
CA LEU A 3 -4.92 -2.72 -5.51
C LEU A 3 -6.40 -3.09 -5.47
N GLU A 4 -6.68 -4.35 -5.58
CA GLU A 4 -8.11 -4.80 -5.56
C GLU A 4 -8.70 -4.52 -4.18
N GLN A 5 -7.87 -4.35 -3.18
CA GLN A 5 -8.40 -4.09 -1.81
C GLN A 5 -8.18 -2.61 -1.45
N CYS A 6 -7.22 -1.99 -2.04
CA CYS A 6 -6.95 -0.56 -1.73
C CYS A 6 -7.45 0.32 -2.88
N CYS A 7 -7.50 -0.22 -4.07
CA CYS A 7 -7.98 0.59 -5.23
C CYS A 7 -9.48 0.34 -5.42
N HIS A 8 -9.90 -0.89 -5.31
CA HIS A 8 -11.36 -1.20 -5.46
C HIS A 8 -12.08 -0.92 -4.15
N SER A 9 -11.34 -0.87 -3.07
CA SER A 9 -11.97 -0.61 -1.74
C SER A 9 -11.09 0.36 -0.95
N ILE A 10 -11.02 0.21 0.34
CA ILE A 10 -10.17 1.12 1.15
C ILE A 10 -8.96 0.35 1.69
N CYS A 11 -7.78 0.91 1.55
CA CYS A 11 -6.57 0.20 2.05
C CYS A 11 -6.54 0.29 3.58
N SER A 12 -6.31 -0.81 4.25
CA SER A 12 -6.28 -0.79 5.73
C SER A 12 -4.86 -0.48 6.21
N LEU A 13 -4.69 0.56 6.98
CA LEU A 13 -3.34 0.92 7.48
C LEU A 13 -2.62 -0.36 7.95
N TYR A 14 -3.29 -1.17 8.72
CA TYR A 14 -2.63 -2.42 9.21
C TYR A 14 -2.28 -3.32 8.02
N GLN A 15 -3.24 -3.57 7.18
CA GLN A 15 -2.98 -4.44 5.99
C GLN A 15 -2.10 -3.70 4.99
N LEU A 16 -1.97 -2.40 5.13
CA LEU A 16 -1.13 -1.63 4.18
C LEU A 16 0.33 -1.86 4.56
N GLU A 17 0.63 -1.93 5.81
CA GLU A 17 2.03 -2.16 6.24
C GLU A 17 2.38 -3.63 6.01
N ASN A 18 1.40 -4.45 5.75
CA ASN A 18 1.67 -5.89 5.51
C ASN A 18 2.24 -6.09 4.11
N TYR A 19 2.18 -5.09 3.28
CA TYR A 19 2.72 -5.23 1.90
C TYR A 19 4.19 -4.82 1.88
N CYS A 20 4.74 -4.45 3.01
CA CYS A 20 6.17 -4.04 3.05
C CYS A 20 7.01 -5.15 3.67
N ASN A 21 8.09 -5.53 3.03
CA ASN A 21 8.95 -6.60 3.59
C ASN A 21 9.81 -6.03 4.72
N PHE B 1 -5.23 3.67 6.69
CA PHE B 1 -4.76 4.90 7.37
C PHE B 1 -5.95 5.79 7.71
N VAL B 2 -6.45 6.50 6.73
CA VAL B 2 -7.62 7.40 6.99
C VAL B 2 -8.59 7.32 5.81
N ASN B 3 -9.23 6.20 5.61
CA ASN B 3 -10.19 6.06 4.48
C ASN B 3 -9.57 6.66 3.21
N GLN B 4 -8.90 5.86 2.43
CA GLN B 4 -8.28 6.39 1.18
C GLN B 4 -8.05 5.24 0.20
N HIS B 5 -8.60 5.33 -0.98
CA HIS B 5 -8.41 4.25 -1.99
C HIS B 5 -7.05 4.42 -2.68
N LEU B 6 -6.13 3.54 -2.42
CA LEU B 6 -4.80 3.65 -3.06
C LEU B 6 -4.85 3.01 -4.45
N CYS B 7 -3.87 3.28 -5.28
CA CYS B 7 -3.88 2.69 -6.64
C CYS B 7 -2.63 3.14 -7.40
N GLY B 8 -1.73 2.23 -7.68
CA GLY B 8 -0.49 2.60 -8.41
C GLY B 8 0.61 2.93 -7.41
N SER B 9 1.46 3.86 -7.74
CA SER B 9 2.58 4.22 -6.81
C SER B 9 1.98 4.63 -5.46
N ASP B 10 0.72 4.95 -5.43
CA ASP B 10 0.08 5.36 -4.14
C ASP B 10 0.28 4.24 -3.12
N LEU B 11 0.53 3.05 -3.59
CA LEU B 11 0.74 1.91 -2.65
C LEU B 11 2.14 2.02 -2.04
N VAL B 12 3.15 2.11 -2.86
CA VAL B 12 4.52 2.21 -2.32
C VAL B 12 4.64 3.49 -1.50
N GLU B 13 3.69 4.38 -1.64
CA GLU B 13 3.74 5.63 -0.84
C GLU B 13 3.32 5.28 0.58
N ALA B 14 2.20 4.62 0.72
CA ALA B 14 1.75 4.21 2.07
C ALA B 14 2.84 3.31 2.65
N LEU B 15 3.51 2.58 1.80
CA LEU B 15 4.60 1.68 2.28
C LEU B 15 5.86 2.53 2.50
N TYR B 16 6.14 3.40 1.58
CA TYR B 16 7.34 4.28 1.70
C TYR B 16 7.52 4.75 3.14
N LEU B 17 6.44 5.01 3.82
CA LEU B 17 6.57 5.53 5.22
C LEU B 17 6.43 4.41 6.25
N VAL B 18 5.38 3.64 6.21
CA VAL B 18 5.23 2.56 7.23
C VAL B 18 6.52 1.75 7.31
N CYS B 19 7.01 1.33 6.19
CA CYS B 19 8.26 0.53 6.17
C CYS B 19 9.37 1.36 5.52
N GLY B 20 9.21 1.72 4.27
CA GLY B 20 10.25 2.53 3.58
C GLY B 20 11.63 1.93 3.83
N GLU B 21 12.36 2.47 4.78
CA GLU B 21 13.72 1.93 5.07
C GLU B 21 13.66 0.41 5.23
N ARG B 22 12.50 -0.12 5.53
CA ARG B 22 12.38 -1.59 5.69
C ARG B 22 12.15 -2.23 4.33
N GLY B 23 12.36 -1.50 3.27
CA GLY B 23 12.15 -2.07 1.91
C GLY B 23 10.76 -2.71 1.84
N PHE B 24 9.78 -1.98 1.36
CA PHE B 24 8.41 -2.54 1.27
C PHE B 24 8.34 -3.55 0.12
N PHE B 25 7.17 -3.96 -0.25
CA PHE B 25 7.04 -4.95 -1.35
C PHE B 25 6.14 -4.39 -2.44
N TYR B 26 4.86 -4.33 -2.20
CA TYR B 26 3.93 -3.78 -3.21
C TYR B 26 4.03 -4.63 -4.47
N THR B 27 3.17 -4.40 -5.40
CA THR B 27 3.20 -5.20 -6.66
C THR B 27 3.59 -4.31 -7.84
N LYS B 28 4.60 -4.69 -8.57
CA LYS B 28 5.04 -3.87 -9.73
C LYS B 28 4.10 -4.14 -10.91
N PRO B 29 4.43 -3.54 -12.04
CA PRO B 29 3.64 -3.66 -13.26
C PRO B 29 4.05 -4.91 -14.05
N THR B 30 4.02 -6.05 -13.43
CA THR B 30 4.42 -7.30 -14.13
C THR B 30 5.73 -7.08 -14.87
N GLY A 1 -3.57 -8.76 -7.86
CA GLY A 1 -2.60 -8.34 -6.74
C GLY A 1 -3.13 -8.00 -5.39
N LEU A 2 -2.35 -7.33 -4.59
CA LEU A 2 -2.82 -6.95 -3.23
C LEU A 2 -3.37 -5.52 -3.26
N LEU A 3 -3.86 -5.09 -4.38
CA LEU A 3 -4.40 -3.70 -4.47
C LEU A 3 -5.93 -3.77 -4.58
N GLU A 4 -6.45 -4.89 -4.99
CA GLU A 4 -7.93 -5.03 -5.13
C GLU A 4 -8.62 -4.42 -3.91
N GLN A 5 -7.94 -4.38 -2.79
CA GLN A 5 -8.58 -3.79 -1.57
C GLN A 5 -8.20 -2.31 -1.47
N CYS A 6 -7.14 -1.92 -2.09
CA CYS A 6 -6.72 -0.49 -2.02
C CYS A 6 -7.15 0.22 -3.31
N CYS A 7 -7.39 -0.52 -4.35
CA CYS A 7 -7.82 0.10 -5.63
C CYS A 7 -9.34 -0.06 -5.79
N HIS A 8 -9.81 -1.27 -5.72
CA HIS A 8 -11.28 -1.49 -5.85
C HIS A 8 -11.97 -1.15 -4.52
N SER A 9 -11.20 -0.78 -3.52
CA SER A 9 -11.81 -0.44 -2.21
C SER A 9 -10.84 0.45 -1.43
N ILE A 10 -11.20 0.87 -0.25
CA ILE A 10 -10.30 1.74 0.55
C ILE A 10 -9.30 0.87 1.31
N CYS A 11 -8.04 1.23 1.29
CA CYS A 11 -7.01 0.44 2.02
C CYS A 11 -6.53 1.21 3.24
N SER A 12 -6.06 0.53 4.24
CA SER A 12 -5.58 1.24 5.46
C SER A 12 -4.07 0.98 5.64
N LEU A 13 -3.32 2.01 5.93
CA LEU A 13 -1.86 1.82 6.12
C LEU A 13 -1.61 0.64 7.05
N TYR A 14 -2.50 0.42 7.98
CA TYR A 14 -2.31 -0.72 8.93
C TYR A 14 -2.41 -2.04 8.16
N GLN A 15 -3.48 -2.23 7.45
CA GLN A 15 -3.64 -3.48 6.66
C GLN A 15 -2.74 -3.41 5.43
N LEU A 16 -2.36 -2.23 5.03
CA LEU A 16 -1.49 -2.09 3.84
C LEU A 16 -0.06 -2.47 4.23
N GLU A 17 0.22 -2.49 5.50
CA GLU A 17 1.59 -2.86 5.95
C GLU A 17 1.86 -4.32 5.56
N ASN A 18 0.86 -5.04 5.15
CA ASN A 18 1.06 -6.46 4.76
C ASN A 18 1.74 -6.52 3.39
N TYR A 19 1.78 -5.43 2.69
CA TYR A 19 2.42 -5.44 1.34
C TYR A 19 3.92 -5.13 1.49
N CYS A 20 4.41 -5.07 2.70
CA CYS A 20 5.85 -4.78 2.90
C CYS A 20 6.61 -6.08 3.11
N ASN A 21 7.89 -6.08 2.84
CA ASN A 21 8.69 -7.32 3.02
C ASN A 21 8.33 -7.97 4.36
N PHE B 1 -4.92 10.01 3.23
CA PHE B 1 -4.31 9.14 4.28
C PHE B 1 -5.33 8.14 4.77
N VAL B 2 -6.55 8.57 4.90
CA VAL B 2 -7.62 7.64 5.38
C VAL B 2 -8.83 7.72 4.43
N ASN B 3 -9.59 6.67 4.33
CA ASN B 3 -10.77 6.69 3.43
C ASN B 3 -10.34 7.06 2.01
N GLN B 4 -9.30 6.44 1.52
CA GLN B 4 -8.83 6.77 0.14
C GLN B 4 -8.45 5.48 -0.59
N HIS B 5 -8.65 5.43 -1.88
CA HIS B 5 -8.30 4.21 -2.65
C HIS B 5 -6.85 4.29 -3.11
N LEU B 6 -6.02 3.40 -2.63
CA LEU B 6 -4.58 3.42 -3.04
C LEU B 6 -4.39 2.61 -4.32
N CYS B 7 -3.64 3.12 -5.26
CA CYS B 7 -3.42 2.38 -6.53
C CYS B 7 -2.24 2.98 -7.28
N GLY B 8 -1.39 2.16 -7.84
CA GLY B 8 -0.21 2.69 -8.58
C GLY B 8 0.96 2.89 -7.61
N SER B 9 1.51 4.06 -7.56
CA SER B 9 2.66 4.32 -6.63
C SER B 9 2.13 4.80 -5.29
N ASP B 10 0.84 4.97 -5.17
CA ASP B 10 0.27 5.44 -3.88
C ASP B 10 0.53 4.39 -2.80
N LEU B 11 0.75 3.17 -3.20
CA LEU B 11 1.02 2.09 -2.23
C LEU B 11 2.41 2.28 -1.63
N VAL B 12 3.39 2.54 -2.45
CA VAL B 12 4.77 2.74 -1.92
C VAL B 12 4.80 3.97 -1.02
N GLU B 13 3.77 4.76 -1.05
CA GLU B 13 3.74 5.97 -0.19
C GLU B 13 3.27 5.53 1.20
N ALA B 14 2.16 4.85 1.25
CA ALA B 14 1.67 4.36 2.56
C ALA B 14 2.70 3.38 3.09
N LEU B 15 3.25 2.56 2.22
CA LEU B 15 4.29 1.60 2.65
C LEU B 15 5.55 2.37 3.04
N TYR B 16 5.87 3.36 2.26
CA TYR B 16 7.07 4.19 2.57
C TYR B 16 7.14 4.48 4.06
N LEU B 17 6.26 5.32 4.52
CA LEU B 17 6.25 5.71 5.95
C LEU B 17 6.21 4.50 6.89
N VAL B 18 5.42 3.49 6.59
CA VAL B 18 5.38 2.32 7.53
C VAL B 18 6.66 1.52 7.42
N CYS B 19 7.04 1.19 6.22
CA CYS B 19 8.29 0.40 6.03
C CYS B 19 9.38 1.31 5.48
N GLY B 20 9.15 1.89 4.33
CA GLY B 20 10.17 2.80 3.74
C GLY B 20 11.55 2.13 3.77
N GLU B 21 12.30 2.35 4.82
CA GLU B 21 13.64 1.72 4.91
C GLU B 21 13.50 0.20 4.87
N ARG B 22 12.32 -0.31 5.07
CA ARG B 22 12.11 -1.78 5.06
C ARG B 22 11.98 -2.26 3.60
N GLY B 23 12.08 -1.37 2.67
CA GLY B 23 11.95 -1.77 1.24
C GLY B 23 10.62 -2.52 1.03
N PHE B 24 9.54 -1.81 0.95
CA PHE B 24 8.22 -2.47 0.77
C PHE B 24 8.22 -3.22 -0.58
N PHE B 25 7.43 -4.24 -0.69
CA PHE B 25 7.38 -5.00 -1.97
C PHE B 25 5.98 -4.92 -2.58
N TYR B 26 5.47 -3.73 -2.75
CA TYR B 26 4.12 -3.58 -3.33
C TYR B 26 4.11 -4.20 -4.74
N THR B 27 3.27 -3.69 -5.61
CA THR B 27 3.21 -4.24 -6.99
C THR B 27 3.03 -3.11 -7.98
N LYS B 28 2.95 -3.42 -9.25
CA LYS B 28 2.79 -2.35 -10.28
C LYS B 28 1.36 -2.40 -10.84
N PRO B 29 1.11 -1.58 -11.82
CA PRO B 29 -0.21 -1.47 -12.46
C PRO B 29 -0.34 -2.50 -13.59
N THR B 30 -1.00 -3.59 -13.35
CA THR B 30 -1.17 -4.63 -14.41
C THR B 30 -2.29 -4.22 -15.36
N GLY A 1 -1.77 -7.02 -6.92
CA GLY A 1 -2.43 -7.70 -5.72
C GLY A 1 -2.99 -6.88 -4.62
N LEU A 2 -2.41 -5.74 -4.36
CA LEU A 2 -2.93 -4.88 -3.25
C LEU A 2 -3.68 -3.69 -3.86
N LEU A 3 -4.22 -3.86 -5.03
CA LEU A 3 -4.98 -2.74 -5.66
C LEU A 3 -6.47 -3.05 -5.63
N GLU A 4 -6.82 -4.30 -5.72
CA GLU A 4 -8.26 -4.67 -5.69
C GLU A 4 -8.86 -4.27 -4.34
N GLN A 5 -8.04 -4.13 -3.33
CA GLN A 5 -8.56 -3.75 -1.99
C GLN A 5 -8.23 -2.28 -1.70
N CYS A 6 -7.19 -1.77 -2.30
CA CYS A 6 -6.81 -0.35 -2.04
C CYS A 6 -7.23 0.53 -3.24
N CYS A 7 -7.36 -0.04 -4.39
CA CYS A 7 -7.77 0.76 -5.58
C CYS A 7 -9.29 0.70 -5.74
N HIS A 8 -9.86 -0.44 -5.51
CA HIS A 8 -11.34 -0.57 -5.64
C HIS A 8 -11.99 -0.16 -4.31
N SER A 9 -11.29 -0.31 -3.23
CA SER A 9 -11.85 0.07 -1.91
C SER A 9 -10.79 0.81 -1.09
N ILE A 10 -11.05 1.05 0.16
CA ILE A 10 -10.05 1.76 1.00
C ILE A 10 -9.21 0.73 1.77
N CYS A 11 -7.93 0.95 1.88
CA CYS A 11 -7.07 -0.02 2.61
C CYS A 11 -6.63 0.59 3.94
N SER A 12 -6.19 -0.23 4.87
CA SER A 12 -5.76 0.32 6.19
C SER A 12 -4.23 0.20 6.32
N LEU A 13 -3.59 1.19 6.86
CA LEU A 13 -2.11 1.13 7.01
C LEU A 13 -1.72 -0.19 7.69
N TYR A 14 -2.50 -0.63 8.64
CA TYR A 14 -2.18 -1.90 9.34
C TYR A 14 -2.16 -3.04 8.33
N GLN A 15 -3.23 -3.21 7.62
CA GLN A 15 -3.30 -4.31 6.61
C GLN A 15 -2.47 -3.90 5.38
N LEU A 16 -2.23 -2.63 5.21
CA LEU A 16 -1.42 -2.18 4.05
C LEU A 16 0.05 -2.44 4.34
N GLU A 17 0.42 -2.48 5.59
CA GLU A 17 1.84 -2.74 5.95
C GLU A 17 2.14 -4.22 5.73
N ASN A 18 1.14 -5.02 5.46
CA ASN A 18 1.39 -6.47 5.23
C ASN A 18 2.15 -6.66 3.92
N TYR A 19 2.24 -5.63 3.11
CA TYR A 19 2.96 -5.75 1.82
C TYR A 19 4.41 -5.27 2.00
N CYS A 20 4.83 -5.07 3.21
CA CYS A 20 6.22 -4.60 3.45
C CYS A 20 7.09 -5.80 3.86
N ASN A 21 8.38 -5.72 3.63
CA ASN A 21 9.26 -6.86 4.01
C ASN A 21 9.33 -6.95 5.54
N PHE B 1 -5.19 8.06 11.03
CA PHE B 1 -5.22 8.42 9.58
C PHE B 1 -6.68 8.52 9.11
N VAL B 2 -6.89 8.51 7.83
CA VAL B 2 -8.29 8.60 7.31
C VAL B 2 -8.45 7.65 6.12
N ASN B 3 -9.49 7.83 5.34
CA ASN B 3 -9.71 6.93 4.16
C ASN B 3 -8.57 7.11 3.17
N GLN B 4 -8.14 6.05 2.55
CA GLN B 4 -7.02 6.17 1.56
C GLN B 4 -7.32 5.29 0.35
N HIS B 5 -7.48 5.88 -0.81
CA HIS B 5 -7.77 5.08 -2.02
C HIS B 5 -6.49 4.90 -2.85
N LEU B 6 -5.69 3.94 -2.49
CA LEU B 6 -4.43 3.69 -3.25
C LEU B 6 -4.76 2.92 -4.53
N CYS B 7 -4.20 3.29 -5.63
CA CYS B 7 -4.51 2.57 -6.89
C CYS B 7 -3.22 2.21 -7.62
N GLY B 8 -2.18 1.85 -6.90
CA GLY B 8 -0.91 1.47 -7.58
C GLY B 8 0.28 2.11 -6.83
N SER B 9 1.06 2.89 -7.52
CA SER B 9 2.22 3.54 -6.86
C SER B 9 1.80 4.15 -5.52
N ASP B 10 0.54 4.46 -5.39
CA ASP B 10 0.05 5.05 -4.12
C ASP B 10 0.34 4.06 -3.00
N LEU B 11 0.54 2.82 -3.35
CA LEU B 11 0.84 1.78 -2.35
C LEU B 11 2.25 2.00 -1.81
N VAL B 12 3.23 2.05 -2.68
CA VAL B 12 4.63 2.25 -2.21
C VAL B 12 4.71 3.54 -1.42
N GLU B 13 3.74 4.40 -1.56
CA GLU B 13 3.76 5.67 -0.77
C GLU B 13 3.34 5.32 0.65
N ALA B 14 2.20 4.68 0.77
CA ALA B 14 1.75 4.27 2.12
C ALA B 14 2.81 3.35 2.71
N LEU B 15 3.41 2.53 1.88
CA LEU B 15 4.48 1.62 2.37
C LEU B 15 5.75 2.45 2.58
N TYR B 16 5.97 3.38 1.71
CA TYR B 16 7.19 4.26 1.83
C TYR B 16 7.42 4.67 3.28
N LEU B 17 6.40 5.14 3.95
CA LEU B 17 6.59 5.63 5.34
C LEU B 17 6.26 4.55 6.39
N VAL B 18 5.22 3.79 6.21
CA VAL B 18 4.89 2.76 7.24
C VAL B 18 6.16 1.98 7.61
N CYS B 19 6.87 1.55 6.63
CA CYS B 19 8.12 0.79 6.89
C CYS B 19 9.30 1.75 6.77
N GLY B 20 9.26 2.61 5.79
CA GLY B 20 10.37 3.58 5.61
C GLY B 20 11.34 3.06 4.56
N GLU B 21 12.53 2.67 4.96
CA GLU B 21 13.52 2.16 3.98
C GLU B 21 13.69 0.65 4.15
N ARG B 22 12.79 0.02 4.86
CA ARG B 22 12.89 -1.44 5.05
C ARG B 22 12.70 -2.16 3.71
N GLY B 23 12.26 -1.45 2.72
CA GLY B 23 12.05 -2.09 1.38
C GLY B 23 10.66 -2.74 1.36
N PHE B 24 9.64 -1.98 1.08
CA PHE B 24 8.27 -2.53 1.05
C PHE B 24 8.13 -3.49 -0.14
N PHE B 25 7.19 -4.39 -0.08
CA PHE B 25 7.01 -5.36 -1.20
C PHE B 25 6.14 -4.73 -2.28
N TYR B 26 4.89 -4.52 -1.99
CA TYR B 26 3.99 -3.91 -3.01
C TYR B 26 4.08 -4.72 -4.30
N THR B 27 3.26 -4.42 -5.25
CA THR B 27 3.28 -5.19 -6.53
C THR B 27 3.48 -4.24 -7.71
N LYS B 28 4.38 -4.59 -8.60
CA LYS B 28 4.63 -3.72 -9.77
C LYS B 28 3.29 -3.45 -10.50
N PRO B 29 3.38 -2.83 -11.66
CA PRO B 29 2.19 -2.47 -12.45
C PRO B 29 1.74 -3.65 -13.31
N THR B 30 0.69 -3.48 -14.07
CA THR B 30 0.21 -4.59 -14.93
C THR B 30 1.13 -4.74 -16.15
N GLY A 1 -5.83 -9.47 -3.70
CA GLY A 1 -5.92 -8.55 -2.48
C GLY A 1 -4.77 -7.67 -2.14
N LEU A 2 -4.33 -6.88 -3.07
CA LEU A 2 -3.18 -5.97 -2.79
C LEU A 2 -3.51 -4.57 -3.30
N LEU A 3 -3.92 -4.45 -4.53
CA LEU A 3 -4.26 -3.11 -5.09
C LEU A 3 -5.76 -3.03 -5.26
N GLU A 4 -6.40 -4.14 -5.47
CA GLU A 4 -7.88 -4.15 -5.66
C GLU A 4 -8.56 -3.80 -4.34
N GLN A 5 -7.96 -4.16 -3.23
CA GLN A 5 -8.58 -3.83 -1.91
C GLN A 5 -8.21 -2.42 -1.50
N CYS A 6 -7.16 -1.89 -2.07
CA CYS A 6 -6.73 -0.51 -1.72
C CYS A 6 -7.09 0.45 -2.86
N CYS A 7 -7.33 -0.08 -4.03
CA CYS A 7 -7.69 0.78 -5.19
C CYS A 7 -9.19 0.65 -5.46
N HIS A 8 -9.65 -0.54 -5.70
CA HIS A 8 -11.10 -0.73 -5.97
C HIS A 8 -11.89 -0.45 -4.68
N SER A 9 -11.22 -0.34 -3.57
CA SER A 9 -11.92 -0.07 -2.29
C SER A 9 -11.00 0.73 -1.37
N ILE A 10 -11.17 0.62 -0.09
CA ILE A 10 -10.32 1.37 0.86
C ILE A 10 -9.44 0.39 1.65
N CYS A 11 -8.19 0.70 1.81
CA CYS A 11 -7.29 -0.21 2.57
C CYS A 11 -6.93 0.45 3.92
N SER A 12 -6.00 -0.13 4.64
CA SER A 12 -5.62 0.46 5.94
C SER A 12 -4.12 0.24 6.19
N LEU A 13 -3.42 1.28 6.53
CA LEU A 13 -1.96 1.13 6.78
C LEU A 13 -1.71 -0.12 7.63
N TYR A 14 -2.68 -0.50 8.43
CA TYR A 14 -2.49 -1.72 9.27
C TYR A 14 -2.38 -2.94 8.38
N GLN A 15 -3.43 -3.25 7.67
CA GLN A 15 -3.40 -4.43 6.77
C GLN A 15 -2.60 -4.08 5.51
N LEU A 16 -2.37 -2.82 5.29
CA LEU A 16 -1.60 -2.41 4.09
C LEU A 16 -0.12 -2.66 4.35
N GLU A 17 0.28 -2.63 5.59
CA GLU A 17 1.70 -2.87 5.93
C GLU A 17 2.05 -4.33 5.64
N ASN A 18 1.07 -5.15 5.32
CA ASN A 18 1.36 -6.57 5.02
C ASN A 18 2.13 -6.69 3.71
N TYR A 19 2.15 -5.64 2.92
CA TYR A 19 2.88 -5.69 1.63
C TYR A 19 4.36 -5.34 1.88
N CYS A 20 4.74 -5.21 3.12
CA CYS A 20 6.16 -4.87 3.42
C CYS A 20 6.88 -6.11 3.95
N ASN A 21 8.05 -6.39 3.43
CA ASN A 21 8.81 -7.58 3.89
C ASN A 21 8.90 -7.57 5.42
N PHE B 1 -5.20 5.72 9.80
CA PHE B 1 -6.50 6.40 9.57
C PHE B 1 -7.44 5.44 8.81
N VAL B 2 -8.55 5.95 8.34
CA VAL B 2 -9.50 5.08 7.60
C VAL B 2 -10.05 5.83 6.38
N ASN B 3 -10.62 5.14 5.45
CA ASN B 3 -11.17 5.82 4.24
C ASN B 3 -10.03 6.38 3.40
N GLN B 4 -9.12 5.54 2.96
CA GLN B 4 -7.98 6.03 2.14
C GLN B 4 -7.91 5.23 0.84
N HIS B 5 -8.22 5.85 -0.26
CA HIS B 5 -8.16 5.13 -1.57
C HIS B 5 -6.73 5.07 -2.07
N LEU B 6 -6.15 3.89 -2.07
CA LEU B 6 -4.74 3.75 -2.54
C LEU B 6 -4.74 3.13 -3.95
N CYS B 7 -3.86 3.57 -4.81
CA CYS B 7 -3.82 3.00 -6.18
C CYS B 7 -2.58 3.51 -6.93
N GLY B 8 -1.88 2.63 -7.58
CA GLY B 8 -0.66 3.06 -8.33
C GLY B 8 0.49 3.29 -7.36
N SER B 9 1.41 4.15 -7.72
CA SER B 9 2.57 4.43 -6.82
C SER B 9 2.04 4.84 -5.43
N ASP B 10 0.80 5.25 -5.36
CA ASP B 10 0.25 5.66 -4.05
C ASP B 10 0.41 4.51 -3.07
N LEU B 11 0.57 3.31 -3.56
CA LEU B 11 0.75 2.14 -2.67
C LEU B 11 2.12 2.22 -2.00
N VAL B 12 3.17 2.29 -2.79
CA VAL B 12 4.54 2.37 -2.19
C VAL B 12 4.63 3.63 -1.35
N GLU B 13 3.74 4.56 -1.54
CA GLU B 13 3.77 5.80 -0.73
C GLU B 13 3.27 5.45 0.66
N ALA B 14 2.18 4.75 0.72
CA ALA B 14 1.64 4.32 2.03
C ALA B 14 2.67 3.38 2.66
N LEU B 15 3.26 2.53 1.86
CA LEU B 15 4.28 1.60 2.39
C LEU B 15 5.53 2.42 2.72
N TYR B 16 5.88 3.33 1.85
CA TYR B 16 7.07 4.19 2.09
C TYR B 16 7.15 4.59 3.57
N LEU B 17 6.20 5.38 3.98
CA LEU B 17 6.19 5.89 5.38
C LEU B 17 6.12 4.74 6.41
N VAL B 18 5.27 3.77 6.23
CA VAL B 18 5.21 2.68 7.24
C VAL B 18 6.52 1.90 7.25
N CYS B 19 6.97 1.51 6.10
CA CYS B 19 8.24 0.75 6.01
C CYS B 19 9.32 1.62 5.34
N GLY B 20 9.07 2.03 4.13
CA GLY B 20 10.07 2.89 3.44
C GLY B 20 11.45 2.25 3.55
N GLU B 21 12.23 2.67 4.52
CA GLU B 21 13.59 2.08 4.68
C GLU B 21 13.48 0.57 4.88
N ARG B 22 12.31 0.10 5.20
CA ARG B 22 12.14 -1.37 5.41
C ARG B 22 12.03 -2.07 4.05
N GLY B 23 12.05 -1.32 2.99
CA GLY B 23 11.95 -1.94 1.63
C GLY B 23 10.64 -2.70 1.54
N PHE B 24 9.55 -2.02 1.33
CA PHE B 24 8.24 -2.70 1.23
C PHE B 24 8.30 -3.76 0.13
N PHE B 25 7.30 -4.60 0.03
CA PHE B 25 7.30 -5.65 -1.02
C PHE B 25 6.28 -5.30 -2.10
N TYR B 26 5.88 -4.06 -2.18
CA TYR B 26 4.89 -3.67 -3.23
C TYR B 26 5.32 -4.25 -4.57
N THR B 27 4.48 -4.15 -5.54
CA THR B 27 4.79 -4.70 -6.87
C THR B 27 5.61 -3.69 -7.69
N LYS B 28 5.82 -3.96 -8.95
CA LYS B 28 6.59 -3.03 -9.80
C LYS B 28 5.81 -1.71 -9.96
N PRO B 29 6.30 -0.84 -10.82
CA PRO B 29 5.67 0.46 -11.06
C PRO B 29 4.55 0.34 -12.09
N THR B 30 3.44 0.98 -11.85
CA THR B 30 2.31 0.90 -12.82
C THR B 30 2.03 -0.57 -13.16
N GLY A 1 -4.33 -8.68 -3.11
CA GLY A 1 -3.27 -7.95 -2.28
C GLY A 1 -3.50 -6.54 -1.88
N LEU A 2 -2.91 -5.62 -2.58
CA LEU A 2 -3.10 -4.18 -2.22
C LEU A 2 -3.63 -3.42 -3.44
N LEU A 3 -4.05 -4.14 -4.45
CA LEU A 3 -4.57 -3.46 -5.67
C LEU A 3 -6.09 -3.63 -5.70
N GLU A 4 -6.54 -4.85 -5.71
CA GLU A 4 -8.01 -5.12 -5.74
C GLU A 4 -8.64 -4.71 -4.41
N GLN A 5 -7.83 -4.45 -3.42
CA GLN A 5 -8.38 -4.05 -2.09
C GLN A 5 -8.26 -2.54 -1.93
N CYS A 6 -7.29 -1.95 -2.59
CA CYS A 6 -7.12 -0.47 -2.48
C CYS A 6 -7.69 0.20 -3.73
N CYS A 7 -7.80 -0.53 -4.80
CA CYS A 7 -8.34 0.07 -6.05
C CYS A 7 -9.84 -0.25 -6.15
N HIS A 8 -10.21 -1.48 -5.90
CA HIS A 8 -11.64 -1.85 -5.98
C HIS A 8 -12.37 -1.31 -4.74
N SER A 9 -11.66 -0.68 -3.85
CA SER A 9 -12.30 -0.14 -2.62
C SER A 9 -11.26 0.60 -1.78
N ILE A 10 -11.57 0.91 -0.56
CA ILE A 10 -10.59 1.63 0.30
C ILE A 10 -9.89 0.62 1.22
N CYS A 11 -8.66 0.89 1.58
CA CYS A 11 -7.94 -0.05 2.48
C CYS A 11 -7.39 0.71 3.69
N SER A 12 -6.94 0.00 4.69
CA SER A 12 -6.39 0.69 5.90
C SER A 12 -4.87 0.58 5.91
N LEU A 13 -4.21 1.63 6.34
CA LEU A 13 -2.71 1.59 6.37
C LEU A 13 -2.26 0.44 7.28
N TYR A 14 -3.11 -0.01 8.16
CA TYR A 14 -2.72 -1.13 9.07
C TYR A 14 -2.51 -2.40 8.25
N GLN A 15 -3.47 -2.75 7.44
CA GLN A 15 -3.35 -3.96 6.61
C GLN A 15 -2.38 -3.70 5.45
N LEU A 16 -2.11 -2.46 5.18
CA LEU A 16 -1.17 -2.12 4.07
C LEU A 16 0.26 -2.36 4.54
N GLU A 17 0.48 -2.26 5.83
CA GLU A 17 1.85 -2.48 6.36
C GLU A 17 2.24 -3.94 6.15
N ASN A 18 1.27 -4.79 5.94
CA ASN A 18 1.58 -6.24 5.72
C ASN A 18 2.08 -6.44 4.28
N TYR A 19 2.21 -5.39 3.53
CA TYR A 19 2.71 -5.53 2.13
C TYR A 19 4.16 -5.08 2.05
N CYS A 20 4.69 -4.56 3.13
CA CYS A 20 6.11 -4.10 3.12
C CYS A 20 6.98 -5.11 3.87
N ASN A 21 8.11 -5.47 3.33
CA ASN A 21 8.99 -6.45 4.03
C ASN A 21 9.08 -6.09 5.51
N PHE B 1 -6.85 5.75 9.26
CA PHE B 1 -6.74 6.75 8.16
C PHE B 1 -8.13 7.06 7.61
N VAL B 2 -8.21 7.75 6.50
CA VAL B 2 -9.53 8.08 5.91
C VAL B 2 -9.42 8.11 4.38
N ASN B 3 -10.38 7.55 3.70
CA ASN B 3 -10.32 7.56 2.20
C ASN B 3 -8.92 7.16 1.75
N GLN B 4 -8.44 6.04 2.20
CA GLN B 4 -7.07 5.60 1.79
C GLN B 4 -7.14 4.89 0.44
N HIS B 5 -7.54 5.58 -0.59
CA HIS B 5 -7.62 4.94 -1.93
C HIS B 5 -6.21 4.67 -2.46
N LEU B 6 -5.81 3.43 -2.48
CA LEU B 6 -4.45 3.10 -2.98
C LEU B 6 -4.56 2.31 -4.28
N CYS B 7 -3.59 2.41 -5.15
CA CYS B 7 -3.67 1.65 -6.43
C CYS B 7 -2.39 1.87 -7.24
N GLY B 8 -1.84 3.04 -7.17
CA GLY B 8 -0.59 3.34 -7.92
C GLY B 8 0.56 3.56 -6.94
N SER B 9 1.41 4.51 -7.22
CA SER B 9 2.54 4.77 -6.29
C SER B 9 1.99 5.02 -4.88
N ASP B 10 0.74 5.34 -4.79
CA ASP B 10 0.12 5.58 -3.45
C ASP B 10 0.41 4.38 -2.56
N LEU B 11 0.61 3.23 -3.16
CA LEU B 11 0.90 2.01 -2.36
C LEU B 11 2.33 2.10 -1.83
N VAL B 12 3.28 2.25 -2.71
CA VAL B 12 4.70 2.35 -2.23
C VAL B 12 4.82 3.56 -1.32
N GLU B 13 3.88 4.46 -1.38
CA GLU B 13 3.93 5.64 -0.50
C GLU B 13 3.41 5.22 0.87
N ALA B 14 2.22 4.69 0.91
CA ALA B 14 1.67 4.23 2.20
C ALA B 14 2.68 3.24 2.80
N LEU B 15 3.37 2.54 1.95
CA LEU B 15 4.39 1.56 2.44
C LEU B 15 5.70 2.31 2.70
N TYR B 16 6.07 3.18 1.80
CA TYR B 16 7.33 3.95 1.99
C TYR B 16 7.48 4.39 3.45
N LEU B 17 6.38 4.56 4.14
CA LEU B 17 6.47 5.00 5.56
C LEU B 17 6.26 3.83 6.52
N VAL B 18 5.12 3.19 6.46
CA VAL B 18 4.84 2.05 7.38
C VAL B 18 6.11 1.25 7.66
N CYS B 19 6.83 0.92 6.64
CA CYS B 19 8.09 0.15 6.82
C CYS B 19 9.27 1.10 6.69
N GLY B 20 9.22 1.99 5.74
CA GLY B 20 10.33 2.96 5.57
C GLY B 20 11.20 2.55 4.37
N GLU B 21 12.49 2.73 4.48
CA GLU B 21 13.39 2.36 3.35
C GLU B 21 13.72 0.87 3.42
N ARG B 22 13.03 0.13 4.25
CA ARG B 22 13.31 -1.32 4.36
C ARG B 22 12.99 -2.01 3.02
N GLY B 23 12.35 -1.30 2.13
CA GLY B 23 12.02 -1.91 0.80
C GLY B 23 10.69 -2.67 0.91
N PHE B 24 9.59 -1.98 0.78
CA PHE B 24 8.28 -2.67 0.88
C PHE B 24 8.24 -3.85 -0.09
N PHE B 25 7.10 -4.45 -0.26
CA PHE B 25 7.00 -5.60 -1.19
C PHE B 25 5.98 -5.30 -2.30
N TYR B 26 5.45 -4.12 -2.32
CA TYR B 26 4.46 -3.78 -3.38
C TYR B 26 4.99 -4.26 -4.73
N THR B 27 4.15 -4.24 -5.71
CA THR B 27 4.55 -4.71 -7.06
C THR B 27 4.95 -3.52 -7.93
N LYS B 28 4.82 -3.65 -9.22
CA LYS B 28 5.18 -2.55 -10.13
C LYS B 28 4.06 -1.48 -10.12
N PRO B 29 4.14 -0.54 -11.02
CA PRO B 29 3.14 0.54 -11.11
C PRO B 29 1.94 0.11 -11.93
N THR B 30 1.94 0.35 -13.20
CA THR B 30 0.78 -0.06 -14.05
C THR B 30 1.30 -0.79 -15.30
N GLY A 1 -2.56 -7.06 -7.47
CA GLY A 1 -2.93 -8.01 -6.33
C GLY A 1 -3.26 -7.46 -4.99
N LEU A 2 -2.51 -6.51 -4.52
CA LEU A 2 -2.80 -5.92 -3.18
C LEU A 2 -3.52 -4.60 -3.36
N LEU A 3 -4.07 -4.36 -4.53
CA LEU A 3 -4.79 -3.09 -4.78
C LEU A 3 -6.29 -3.37 -4.86
N GLU A 4 -6.64 -4.56 -5.22
CA GLU A 4 -8.08 -4.92 -5.33
C GLU A 4 -8.83 -4.46 -4.07
N GLN A 5 -8.13 -4.29 -2.98
CA GLN A 5 -8.81 -3.85 -1.72
C GLN A 5 -8.49 -2.38 -1.45
N CYS A 6 -7.44 -1.86 -2.00
CA CYS A 6 -7.08 -0.44 -1.76
C CYS A 6 -7.42 0.41 -2.98
N CYS A 7 -7.33 -0.16 -4.16
CA CYS A 7 -7.67 0.61 -5.38
C CYS A 7 -9.17 0.51 -5.63
N HIS A 8 -9.74 -0.64 -5.38
CA HIS A 8 -11.19 -0.81 -5.59
C HIS A 8 -11.93 -0.51 -4.29
N SER A 9 -11.20 -0.46 -3.19
CA SER A 9 -11.84 -0.16 -1.88
C SER A 9 -10.89 0.73 -1.07
N ILE A 10 -11.15 0.87 0.20
CA ILE A 10 -10.26 1.74 1.04
C ILE A 10 -9.17 0.88 1.67
N CYS A 11 -7.93 1.25 1.49
CA CYS A 11 -6.81 0.47 2.09
C CYS A 11 -6.81 0.67 3.60
N SER A 12 -6.32 -0.30 4.34
CA SER A 12 -6.29 -0.15 5.82
C SER A 12 -4.84 -0.04 6.28
N LEU A 13 -4.56 0.90 7.14
CA LEU A 13 -3.16 1.06 7.63
C LEU A 13 -2.60 -0.30 8.04
N TYR A 14 -3.39 -1.10 8.70
CA TYR A 14 -2.91 -2.44 9.12
C TYR A 14 -2.63 -3.30 7.90
N GLN A 15 -3.57 -3.34 6.99
CA GLN A 15 -3.39 -4.15 5.76
C GLN A 15 -2.39 -3.45 4.83
N LEU A 16 -2.10 -2.21 5.09
CA LEU A 16 -1.14 -1.47 4.24
C LEU A 16 0.27 -1.92 4.63
N GLU A 17 0.47 -2.21 5.87
CA GLU A 17 1.81 -2.66 6.33
C GLU A 17 2.03 -4.11 5.89
N ASN A 18 1.01 -4.75 5.41
CA ASN A 18 1.17 -6.16 4.96
C ASN A 18 1.87 -6.20 3.61
N TYR A 19 1.84 -5.12 2.89
CA TYR A 19 2.53 -5.11 1.56
C TYR A 19 4.03 -4.87 1.76
N CYS A 20 4.46 -4.69 2.98
CA CYS A 20 5.91 -4.46 3.24
C CYS A 20 6.59 -5.81 3.48
N ASN A 21 7.82 -5.95 3.04
CA ASN A 21 8.54 -7.23 3.25
C ASN A 21 8.82 -7.43 4.74
N PHE B 1 -4.47 7.09 10.17
CA PHE B 1 -4.42 7.55 8.76
C PHE B 1 -5.82 7.92 8.28
N VAL B 2 -6.01 8.12 7.00
CA VAL B 2 -7.36 8.47 6.50
C VAL B 2 -7.87 7.35 5.58
N ASN B 3 -9.16 7.26 5.40
CA ASN B 3 -9.72 6.20 4.52
C ASN B 3 -9.75 6.71 3.08
N GLN B 4 -9.00 6.09 2.20
CA GLN B 4 -8.99 6.55 0.78
C GLN B 4 -8.53 5.39 -0.11
N HIS B 5 -8.93 5.40 -1.35
CA HIS B 5 -8.52 4.29 -2.27
C HIS B 5 -7.07 4.51 -2.72
N LEU B 6 -6.29 3.47 -2.71
CA LEU B 6 -4.87 3.61 -3.12
C LEU B 6 -4.66 2.92 -4.47
N CYS B 7 -3.75 3.39 -5.27
CA CYS B 7 -3.52 2.76 -6.59
C CYS B 7 -2.24 3.33 -7.22
N GLY B 8 -1.40 2.50 -7.76
CA GLY B 8 -0.14 3.00 -8.39
C GLY B 8 0.91 3.24 -7.30
N SER B 9 1.75 4.23 -7.48
CA SER B 9 2.79 4.51 -6.46
C SER B 9 2.13 4.83 -5.13
N ASP B 10 0.85 5.09 -5.13
CA ASP B 10 0.14 5.41 -3.87
C ASP B 10 0.37 4.26 -2.88
N LEU B 11 0.74 3.12 -3.39
CA LEU B 11 0.98 1.95 -2.51
C LEU B 11 2.39 2.05 -1.92
N VAL B 12 3.39 2.22 -2.75
CA VAL B 12 4.78 2.34 -2.22
C VAL B 12 4.87 3.62 -1.41
N GLU B 13 3.95 4.52 -1.59
CA GLU B 13 3.97 5.78 -0.80
C GLU B 13 3.45 5.44 0.59
N ALA B 14 2.30 4.84 0.67
CA ALA B 14 1.78 4.44 1.99
C ALA B 14 2.82 3.55 2.66
N LEU B 15 3.48 2.75 1.86
CA LEU B 15 4.54 1.87 2.42
C LEU B 15 5.77 2.72 2.72
N TYR B 16 6.15 3.54 1.78
CA TYR B 16 7.33 4.43 1.98
C TYR B 16 7.39 4.93 3.42
N LEU B 17 6.26 5.05 4.06
CA LEU B 17 6.26 5.55 5.46
C LEU B 17 6.23 4.38 6.44
N VAL B 18 5.18 3.61 6.45
CA VAL B 18 5.11 2.47 7.42
C VAL B 18 6.45 1.74 7.45
N CYS B 19 6.97 1.42 6.31
CA CYS B 19 8.28 0.71 6.25
C CYS B 19 9.34 1.68 5.73
N GLY B 20 9.14 2.21 4.55
CA GLY B 20 10.14 3.16 3.99
C GLY B 20 11.40 2.40 3.56
N GLU B 21 12.50 2.66 4.20
CA GLU B 21 13.76 1.97 3.84
C GLU B 21 13.62 0.47 4.14
N ARG B 22 12.58 0.08 4.81
CA ARG B 22 12.40 -1.36 5.12
C ARG B 22 12.31 -2.16 3.83
N GLY B 23 12.13 -1.49 2.73
CA GLY B 23 12.03 -2.22 1.42
C GLY B 23 10.67 -2.90 1.32
N PHE B 24 9.62 -2.13 1.13
CA PHE B 24 8.27 -2.73 1.03
C PHE B 24 8.24 -3.75 -0.11
N PHE B 25 7.47 -4.79 0.04
CA PHE B 25 7.39 -5.82 -1.04
C PHE B 25 6.26 -5.48 -2.00
N TYR B 26 5.89 -4.23 -2.07
CA TYR B 26 4.79 -3.83 -3.00
C TYR B 26 5.04 -4.47 -4.37
N THR B 27 4.11 -4.34 -5.24
CA THR B 27 4.26 -4.93 -6.60
C THR B 27 5.17 -4.05 -7.44
N LYS B 28 5.22 -4.29 -8.73
CA LYS B 28 6.10 -3.46 -9.61
C LYS B 28 5.35 -3.11 -10.89
N PRO B 29 6.04 -2.46 -11.80
CA PRO B 29 5.48 -2.01 -13.07
C PRO B 29 5.59 -3.14 -14.11
N THR B 30 6.11 -4.27 -13.73
CA THR B 30 6.24 -5.40 -14.69
C THR B 30 7.26 -5.02 -15.78
N GLY A 1 -6.70 -8.93 -1.53
CA GLY A 1 -5.84 -8.33 -2.64
C GLY A 1 -4.93 -7.19 -2.33
N LEU A 2 -4.35 -6.60 -3.34
CA LEU A 2 -3.42 -5.44 -3.09
C LEU A 2 -4.09 -4.16 -3.54
N LEU A 3 -4.68 -4.15 -4.71
CA LEU A 3 -5.34 -2.91 -5.22
C LEU A 3 -6.85 -3.10 -5.14
N GLU A 4 -7.31 -4.31 -5.27
CA GLU A 4 -8.78 -4.58 -5.20
C GLU A 4 -9.30 -4.19 -3.82
N GLN A 5 -8.43 -3.97 -2.88
CA GLN A 5 -8.88 -3.59 -1.51
C GLN A 5 -8.61 -2.11 -1.27
N CYS A 6 -7.54 -1.59 -1.78
CA CYS A 6 -7.22 -0.15 -1.58
C CYS A 6 -7.48 0.62 -2.88
N CYS A 7 -7.25 0.02 -4.01
CA CYS A 7 -7.49 0.72 -5.30
C CYS A 7 -8.95 0.53 -5.71
N HIS A 8 -9.51 -0.59 -5.38
CA HIS A 8 -10.93 -0.84 -5.75
C HIS A 8 -11.82 -0.53 -4.54
N SER A 9 -11.22 -0.26 -3.41
CA SER A 9 -12.02 0.05 -2.19
C SER A 9 -11.13 0.74 -1.17
N ILE A 10 -11.54 0.79 0.07
CA ILE A 10 -10.70 1.45 1.11
C ILE A 10 -10.07 0.39 2.00
N CYS A 11 -8.85 0.59 2.41
CA CYS A 11 -8.18 -0.40 3.29
C CYS A 11 -7.37 0.32 4.36
N SER A 12 -6.96 -0.39 5.38
CA SER A 12 -6.16 0.26 6.47
C SER A 12 -4.67 0.09 6.18
N LEU A 13 -3.94 1.17 6.14
CA LEU A 13 -2.47 1.07 5.87
C LEU A 13 -1.87 -0.04 6.73
N TYR A 14 -2.39 -0.26 7.89
CA TYR A 14 -1.85 -1.33 8.77
C TYR A 14 -1.93 -2.67 8.04
N GLN A 15 -3.06 -2.95 7.45
CA GLN A 15 -3.22 -4.24 6.72
C GLN A 15 -2.45 -4.18 5.40
N LEU A 16 -2.31 -3.00 4.86
CA LEU A 16 -1.57 -2.86 3.57
C LEU A 16 -0.08 -2.92 3.86
N GLU A 17 0.31 -2.67 5.09
CA GLU A 17 1.75 -2.73 5.44
C GLU A 17 2.23 -4.18 5.38
N ASN A 18 1.34 -5.12 5.18
CA ASN A 18 1.75 -6.54 5.11
C ASN A 18 2.53 -6.79 3.82
N TYR A 19 2.53 -5.84 2.92
CA TYR A 19 3.27 -6.02 1.65
C TYR A 19 4.67 -5.41 1.79
N CYS A 20 5.10 -5.20 3.00
CA CYS A 20 6.45 -4.60 3.22
C CYS A 20 7.49 -5.72 3.31
N ASN A 21 8.50 -5.68 2.48
CA ASN A 21 9.54 -6.75 2.51
C ASN A 21 8.86 -8.12 2.64
N PHE B 1 -4.35 4.72 8.06
CA PHE B 1 -5.63 5.45 7.81
C PHE B 1 -6.76 4.45 7.58
N VAL B 2 -7.99 4.88 7.69
CA VAL B 2 -9.13 3.95 7.47
C VAL B 2 -9.97 4.43 6.29
N ASN B 3 -9.76 5.66 5.87
CA ASN B 3 -10.55 6.18 4.72
C ASN B 3 -9.59 6.62 3.61
N GLN B 4 -9.00 5.68 2.92
CA GLN B 4 -8.05 6.05 1.83
C GLN B 4 -8.02 4.93 0.78
N HIS B 5 -8.14 5.28 -0.48
CA HIS B 5 -8.11 4.25 -1.56
C HIS B 5 -6.77 4.32 -2.27
N LEU B 6 -5.86 3.42 -1.96
CA LEU B 6 -4.53 3.43 -2.63
C LEU B 6 -4.65 2.79 -4.01
N CYS B 7 -3.89 3.26 -4.96
CA CYS B 7 -3.96 2.67 -6.33
C CYS B 7 -2.81 3.20 -7.18
N GLY B 8 -1.80 2.40 -7.42
CA GLY B 8 -0.65 2.86 -8.25
C GLY B 8 0.53 3.19 -7.34
N SER B 9 1.39 4.08 -7.75
CA SER B 9 2.56 4.44 -6.90
C SER B 9 2.08 4.79 -5.49
N ASP B 10 0.83 5.14 -5.35
CA ASP B 10 0.30 5.47 -4.02
C ASP B 10 0.51 4.27 -3.09
N LEU B 11 0.61 3.10 -3.67
CA LEU B 11 0.82 1.89 -2.84
C LEU B 11 2.19 1.97 -2.17
N VAL B 12 3.23 2.13 -2.93
CA VAL B 12 4.58 2.23 -2.33
C VAL B 12 4.64 3.44 -1.41
N GLU B 13 3.74 4.37 -1.59
CA GLU B 13 3.72 5.57 -0.72
C GLU B 13 3.21 5.15 0.65
N ALA B 14 2.14 4.40 0.67
CA ALA B 14 1.61 3.90 1.96
C ALA B 14 2.70 3.09 2.63
N LEU B 15 3.40 2.31 1.86
CA LEU B 15 4.50 1.49 2.43
C LEU B 15 5.69 2.40 2.71
N TYR B 16 6.01 3.25 1.78
CA TYR B 16 7.14 4.21 1.95
C TYR B 16 7.24 4.69 3.39
N LEU B 17 6.14 5.10 3.95
CA LEU B 17 6.15 5.65 5.33
C LEU B 17 6.07 4.54 6.40
N VAL B 18 5.12 3.64 6.30
CA VAL B 18 5.02 2.58 7.33
C VAL B 18 6.37 1.87 7.47
N CYS B 19 6.93 1.49 6.36
CA CYS B 19 8.24 0.80 6.39
C CYS B 19 9.32 1.77 5.92
N GLY B 20 9.28 2.16 4.67
CA GLY B 20 10.29 3.10 4.14
C GLY B 20 11.68 2.49 4.24
N GLU B 21 12.36 2.71 5.33
CA GLU B 21 13.72 2.14 5.49
C GLU B 21 13.66 0.62 5.55
N ARG B 22 12.49 0.07 5.68
CA ARG B 22 12.36 -1.41 5.75
C ARG B 22 12.22 -1.98 4.33
N GLY B 23 12.44 -1.18 3.33
CA GLY B 23 12.31 -1.68 1.93
C GLY B 23 11.00 -2.45 1.78
N PHE B 24 9.94 -1.78 1.43
CA PHE B 24 8.63 -2.47 1.27
C PHE B 24 8.69 -3.37 0.04
N PHE B 25 7.72 -4.23 -0.13
CA PHE B 25 7.72 -5.14 -1.32
C PHE B 25 6.83 -4.55 -2.41
N TYR B 26 5.55 -4.59 -2.20
CA TYR B 26 4.62 -4.03 -3.23
C TYR B 26 4.95 -4.65 -4.59
N THR B 27 4.16 -4.37 -5.57
CA THR B 27 4.40 -4.95 -6.92
C THR B 27 5.51 -4.16 -7.62
N LYS B 28 5.83 -4.53 -8.83
CA LYS B 28 6.91 -3.79 -9.56
C LYS B 28 6.48 -2.34 -9.79
N PRO B 29 7.31 -1.60 -10.47
CA PRO B 29 7.08 -0.18 -10.76
C PRO B 29 6.26 -0.01 -12.05
N THR B 30 5.81 1.19 -12.33
CA THR B 30 5.02 1.42 -13.56
C THR B 30 4.72 2.91 -13.70
N GLY A 1 -1.63 -8.70 -7.43
CA GLY A 1 -1.46 -7.42 -6.61
C GLY A 1 -2.28 -7.21 -5.38
N LEU A 2 -2.46 -5.97 -4.99
CA LEU A 2 -3.27 -5.71 -3.76
C LEU A 2 -3.96 -4.35 -3.91
N LEU A 3 -4.54 -4.09 -5.05
CA LEU A 3 -5.23 -2.77 -5.25
C LEU A 3 -6.72 -3.03 -5.46
N GLU A 4 -7.10 -4.26 -5.71
CA GLU A 4 -8.54 -4.56 -5.92
C GLU A 4 -9.34 -4.19 -4.68
N GLN A 5 -8.72 -4.18 -3.52
CA GLN A 5 -9.46 -3.83 -2.27
C GLN A 5 -9.10 -2.42 -1.82
N CYS A 6 -7.94 -1.94 -2.19
CA CYS A 6 -7.52 -0.57 -1.78
C CYS A 6 -7.75 0.41 -2.93
N CYS A 7 -7.70 -0.06 -4.14
CA CYS A 7 -7.92 0.84 -5.30
C CYS A 7 -9.42 0.90 -5.60
N HIS A 8 -10.12 -0.18 -5.38
CA HIS A 8 -11.58 -0.20 -5.64
C HIS A 8 -12.32 0.34 -4.42
N SER A 9 -11.69 0.31 -3.27
CA SER A 9 -12.34 0.81 -2.04
C SER A 9 -11.27 1.35 -1.08
N ILE A 10 -11.60 1.47 0.18
CA ILE A 10 -10.60 1.99 1.16
C ILE A 10 -9.92 0.82 1.86
N CYS A 11 -8.67 0.96 2.22
CA CYS A 11 -7.96 -0.15 2.91
C CYS A 11 -7.50 0.33 4.29
N SER A 12 -7.10 -0.59 5.14
CA SER A 12 -6.65 -0.19 6.50
C SER A 12 -5.12 -0.16 6.55
N LEU A 13 -4.56 0.82 7.20
CA LEU A 13 -3.08 0.91 7.28
C LEU A 13 -2.53 -0.39 7.90
N TYR A 14 -3.29 -1.01 8.76
CA TYR A 14 -2.81 -2.28 9.38
C TYR A 14 -2.53 -3.31 8.30
N GLN A 15 -3.51 -3.57 7.47
CA GLN A 15 -3.33 -4.57 6.39
C GLN A 15 -2.43 -3.99 5.29
N LEU A 16 -2.26 -2.71 5.28
CA LEU A 16 -1.39 -2.09 4.24
C LEU A 16 0.07 -2.31 4.63
N GLU A 17 0.33 -2.40 5.91
CA GLU A 17 1.72 -2.60 6.37
C GLU A 17 2.12 -4.05 6.11
N ASN A 18 1.18 -4.89 5.79
CA ASN A 18 1.50 -6.33 5.53
C ASN A 18 2.16 -6.46 4.16
N TYR A 19 2.32 -5.38 3.45
CA TYR A 19 2.96 -5.46 2.11
C TYR A 19 4.42 -5.03 2.21
N CYS A 20 4.94 -4.94 3.41
CA CYS A 20 6.37 -4.53 3.57
C CYS A 20 7.23 -5.77 3.86
N ASN A 21 8.28 -5.96 3.11
CA ASN A 21 9.15 -7.15 3.34
C ASN A 21 9.56 -7.19 4.82
N PHE B 1 -3.84 6.09 4.02
CA PHE B 1 -3.84 6.34 5.49
C PHE B 1 -5.17 5.88 6.09
N VAL B 2 -6.10 6.77 6.25
CA VAL B 2 -7.42 6.38 6.82
C VAL B 2 -8.55 6.88 5.91
N ASN B 3 -9.50 6.04 5.62
CA ASN B 3 -10.63 6.46 4.74
C ASN B 3 -10.06 6.95 3.40
N GLN B 4 -9.28 6.14 2.74
CA GLN B 4 -8.69 6.56 1.44
C GLN B 4 -8.43 5.34 0.58
N HIS B 5 -8.38 5.51 -0.73
CA HIS B 5 -8.12 4.35 -1.63
C HIS B 5 -6.67 4.38 -2.09
N LEU B 6 -6.07 3.24 -2.28
CA LEU B 6 -4.65 3.20 -2.72
C LEU B 6 -4.58 2.69 -4.17
N CYS B 7 -3.71 3.27 -4.97
CA CYS B 7 -3.60 2.80 -6.39
C CYS B 7 -2.39 3.45 -7.05
N GLY B 8 -1.61 2.67 -7.76
CA GLY B 8 -0.41 3.24 -8.44
C GLY B 8 0.74 3.36 -7.45
N SER B 9 1.68 4.23 -7.70
CA SER B 9 2.83 4.41 -6.77
C SER B 9 2.30 4.77 -5.39
N ASP B 10 1.08 5.19 -5.29
CA ASP B 10 0.51 5.54 -3.96
C ASP B 10 0.68 4.34 -3.04
N LEU B 11 0.78 3.18 -3.59
CA LEU B 11 0.95 1.95 -2.78
C LEU B 11 2.30 2.02 -2.08
N VAL B 12 3.36 2.13 -2.84
CA VAL B 12 4.70 2.21 -2.20
C VAL B 12 4.78 3.45 -1.32
N GLU B 13 3.88 4.38 -1.52
CA GLU B 13 3.89 5.61 -0.69
C GLU B 13 3.37 5.22 0.69
N ALA B 14 2.30 4.47 0.73
CA ALA B 14 1.76 4.02 2.03
C ALA B 14 2.86 3.23 2.73
N LEU B 15 3.58 2.44 1.98
CA LEU B 15 4.68 1.64 2.56
C LEU B 15 5.85 2.57 2.82
N TYR B 16 6.17 3.39 1.87
CA TYR B 16 7.29 4.37 2.01
C TYR B 16 7.36 4.90 3.43
N LEU B 17 6.23 5.09 4.06
CA LEU B 17 6.24 5.67 5.44
C LEU B 17 6.22 4.56 6.50
N VAL B 18 5.24 3.68 6.47
CA VAL B 18 5.20 2.60 7.49
C VAL B 18 6.57 1.94 7.59
N CYS B 19 7.13 1.60 6.46
CA CYS B 19 8.45 0.94 6.44
C CYS B 19 9.49 1.94 5.92
N GLY B 20 9.38 2.32 4.68
CA GLY B 20 10.35 3.30 4.11
C GLY B 20 11.60 2.58 3.60
N GLU B 21 12.75 3.07 3.95
CA GLU B 21 14.02 2.42 3.49
C GLU B 21 14.02 0.94 3.89
N ARG B 22 13.17 0.57 4.82
CA ARG B 22 13.13 -0.85 5.26
C ARG B 22 12.84 -1.74 4.05
N GLY B 23 12.37 -1.17 2.97
CA GLY B 23 12.07 -1.97 1.75
C GLY B 23 10.69 -2.61 1.89
N PHE B 24 9.82 -2.36 0.95
CA PHE B 24 8.46 -2.95 1.01
C PHE B 24 8.35 -4.09 0.01
N PHE B 25 7.35 -4.91 0.15
CA PHE B 25 7.18 -6.06 -0.80
C PHE B 25 6.12 -5.71 -1.84
N TYR B 26 5.94 -4.45 -2.12
CA TYR B 26 4.92 -4.05 -3.13
C TYR B 26 5.37 -4.49 -4.51
N THR B 27 4.51 -4.37 -5.47
CA THR B 27 4.88 -4.79 -6.86
C THR B 27 4.73 -3.59 -7.80
N LYS B 28 3.67 -3.53 -8.57
CA LYS B 28 3.50 -2.40 -9.51
C LYS B 28 2.00 -2.17 -9.75
N PRO B 29 1.69 -1.26 -10.63
CA PRO B 29 0.30 -0.90 -10.97
C PRO B 29 -0.24 -1.83 -12.05
N THR B 30 0.00 -3.10 -11.92
CA THR B 30 -0.51 -4.06 -12.94
C THR B 30 -2.00 -4.33 -12.71
N GLY A 1 -5.01 -9.11 -3.68
CA GLY A 1 -4.82 -8.53 -2.27
C GLY A 1 -3.91 -7.38 -2.07
N LEU A 2 -4.06 -6.34 -2.86
CA LEU A 2 -3.19 -5.14 -2.71
C LEU A 2 -3.87 -3.94 -3.37
N LEU A 3 -4.38 -4.12 -4.56
CA LEU A 3 -5.06 -3.00 -5.27
C LEU A 3 -6.57 -3.27 -5.29
N GLU A 4 -6.95 -4.50 -5.21
CA GLU A 4 -8.40 -4.84 -5.22
C GLU A 4 -9.04 -4.35 -3.93
N GLN A 5 -8.25 -4.05 -2.93
CA GLN A 5 -8.83 -3.56 -1.65
C GLN A 5 -8.61 -2.05 -1.51
N CYS A 6 -7.57 -1.55 -2.10
CA CYS A 6 -7.29 -0.08 -2.02
C CYS A 6 -7.63 0.59 -3.35
N CYS A 7 -7.55 -0.13 -4.43
CA CYS A 7 -7.88 0.47 -5.75
C CYS A 7 -9.39 0.41 -5.94
N HIS A 8 -10.02 -0.58 -5.36
CA HIS A 8 -11.49 -0.70 -5.49
C HIS A 8 -12.16 -0.11 -4.25
N SER A 9 -11.39 0.10 -3.21
CA SER A 9 -11.96 0.67 -1.96
C SER A 9 -10.88 1.50 -1.26
N ILE A 10 -10.91 1.57 0.04
CA ILE A 10 -9.89 2.35 0.78
C ILE A 10 -8.84 1.41 1.36
N CYS A 11 -7.58 1.73 1.20
CA CYS A 11 -6.52 0.84 1.75
C CYS A 11 -6.55 0.88 3.27
N SER A 12 -6.04 -0.12 3.92
CA SER A 12 -6.04 -0.13 5.41
C SER A 12 -4.60 -0.15 5.92
N LEU A 13 -4.26 0.76 6.79
CA LEU A 13 -2.88 0.80 7.33
C LEU A 13 -2.49 -0.59 7.85
N TYR A 14 -3.41 -1.28 8.45
CA TYR A 14 -3.10 -2.64 8.98
C TYR A 14 -2.69 -3.55 7.82
N GLN A 15 -3.54 -3.65 6.83
CA GLN A 15 -3.23 -4.51 5.66
C GLN A 15 -2.17 -3.83 4.79
N LEU A 16 -1.94 -2.57 5.00
CA LEU A 16 -0.92 -1.85 4.18
C LEU A 16 0.46 -2.24 4.69
N GLU A 17 0.57 -2.51 5.96
CA GLU A 17 1.90 -2.89 6.52
C GLU A 17 2.19 -4.35 6.15
N ASN A 18 1.19 -5.06 5.70
CA ASN A 18 1.40 -6.49 5.32
C ASN A 18 2.07 -6.55 3.95
N TYR A 19 2.12 -5.46 3.25
CA TYR A 19 2.76 -5.48 1.91
C TYR A 19 4.26 -5.15 2.05
N CYS A 20 4.72 -4.98 3.26
CA CYS A 20 6.16 -4.68 3.46
C CYS A 20 6.89 -5.92 3.97
N ASN A 21 7.84 -6.41 3.22
CA ASN A 21 8.59 -7.61 3.66
C ASN A 21 9.21 -7.36 5.03
N PHE B 1 -5.67 7.65 9.11
CA PHE B 1 -5.18 8.27 7.83
C PHE B 1 -6.30 9.11 7.22
N VAL B 2 -6.31 9.25 5.92
CA VAL B 2 -7.37 10.05 5.27
C VAL B 2 -8.47 9.13 4.75
N ASN B 3 -8.23 7.85 4.74
CA ASN B 3 -9.27 6.90 4.25
C ASN B 3 -9.54 7.16 2.77
N GLN B 4 -8.62 6.75 1.92
CA GLN B 4 -8.81 6.97 0.46
C GLN B 4 -8.47 5.68 -0.30
N HIS B 5 -8.56 5.71 -1.60
CA HIS B 5 -8.23 4.48 -2.40
C HIS B 5 -6.79 4.55 -2.88
N LEU B 6 -5.98 3.59 -2.52
CA LEU B 6 -4.57 3.59 -2.97
C LEU B 6 -4.43 2.78 -4.26
N CYS B 7 -3.50 3.14 -5.09
CA CYS B 7 -3.33 2.40 -6.38
C CYS B 7 -2.13 2.98 -7.15
N GLY B 8 -1.28 2.13 -7.66
CA GLY B 8 -0.10 2.63 -8.43
C GLY B 8 1.05 2.93 -7.47
N SER B 9 1.99 3.72 -7.89
CA SER B 9 3.15 4.05 -7.02
C SER B 9 2.64 4.61 -5.69
N ASP B 10 1.42 5.05 -5.65
CA ASP B 10 0.86 5.58 -4.38
C ASP B 10 0.89 4.49 -3.32
N LEU B 11 0.96 3.25 -3.75
CA LEU B 11 1.01 2.12 -2.78
C LEU B 11 2.33 2.20 -2.01
N VAL B 12 3.42 2.37 -2.70
CA VAL B 12 4.74 2.46 -2.02
C VAL B 12 4.75 3.69 -1.12
N GLU B 13 3.86 4.62 -1.36
CA GLU B 13 3.83 5.83 -0.49
C GLU B 13 3.29 5.41 0.87
N ALA B 14 2.29 4.59 0.86
CA ALA B 14 1.72 4.09 2.13
C ALA B 14 2.77 3.21 2.80
N LEU B 15 3.40 2.37 2.05
CA LEU B 15 4.46 1.50 2.62
C LEU B 15 5.64 2.37 3.02
N TYR B 16 5.97 3.32 2.19
CA TYR B 16 7.10 4.23 2.51
C TYR B 16 7.03 4.65 3.97
N LEU B 17 6.05 5.45 4.29
CA LEU B 17 5.91 5.95 5.68
C LEU B 17 5.94 4.80 6.71
N VAL B 18 5.23 3.73 6.48
CA VAL B 18 5.24 2.63 7.48
C VAL B 18 6.59 1.93 7.46
N CYS B 19 7.06 1.60 6.31
CA CYS B 19 8.38 0.92 6.20
C CYS B 19 9.41 1.92 5.66
N GLY B 20 9.25 2.33 4.44
CA GLY B 20 10.21 3.30 3.85
C GLY B 20 11.52 2.59 3.51
N GLU B 21 12.61 3.01 4.08
CA GLU B 21 13.92 2.36 3.79
C GLU B 21 13.83 0.87 4.13
N ARG B 22 12.84 0.49 4.90
CA ARG B 22 12.69 -0.94 5.27
C ARG B 22 12.46 -1.77 4.01
N GLY B 23 12.15 -1.14 2.92
CA GLY B 23 11.91 -1.89 1.66
C GLY B 23 10.54 -2.57 1.73
N PHE B 24 9.68 -2.29 0.79
CA PHE B 24 8.33 -2.92 0.80
C PHE B 24 8.25 -3.96 -0.31
N PHE B 25 7.38 -4.93 -0.16
CA PHE B 25 7.26 -5.98 -1.21
C PHE B 25 6.13 -5.60 -2.17
N TYR B 26 5.92 -4.33 -2.39
CA TYR B 26 4.83 -3.90 -3.32
C TYR B 26 5.16 -4.37 -4.73
N THR B 27 4.23 -4.23 -5.62
CA THR B 27 4.44 -4.67 -7.02
C THR B 27 5.22 -3.59 -7.78
N LYS B 28 5.13 -3.59 -9.08
CA LYS B 28 5.87 -2.58 -9.87
C LYS B 28 4.88 -1.78 -10.74
N PRO B 29 5.40 -0.91 -11.55
CA PRO B 29 4.60 -0.04 -12.43
C PRO B 29 4.28 -0.76 -13.75
N THR B 30 3.60 -0.09 -14.65
CA THR B 30 3.26 -0.73 -15.95
C THR B 30 4.51 -0.76 -16.85
N GLY A 1 -4.68 -9.17 -7.47
CA GLY A 1 -3.74 -8.10 -6.89
C GLY A 1 -3.77 -7.81 -5.43
N LEU A 2 -3.12 -6.76 -5.00
CA LEU A 2 -3.12 -6.42 -3.55
C LEU A 2 -3.83 -5.08 -3.36
N LEU A 3 -3.76 -4.22 -4.34
CA LEU A 3 -4.42 -2.88 -4.21
C LEU A 3 -5.90 -3.00 -4.54
N GLU A 4 -6.39 -4.20 -4.68
CA GLU A 4 -7.84 -4.38 -5.01
C GLU A 4 -8.68 -3.64 -3.97
N GLN A 5 -8.51 -3.97 -2.72
CA GLN A 5 -9.31 -3.28 -1.66
C GLN A 5 -8.86 -1.82 -1.55
N CYS A 6 -7.70 -1.51 -2.03
CA CYS A 6 -7.20 -0.11 -1.94
C CYS A 6 -7.72 0.69 -3.15
N CYS A 7 -7.75 0.08 -4.30
CA CYS A 7 -8.25 0.79 -5.50
C CYS A 7 -9.75 0.52 -5.67
N HIS A 8 -10.15 -0.71 -5.47
CA HIS A 8 -11.60 -1.04 -5.60
C HIS A 8 -12.35 -0.51 -4.37
N SER A 9 -11.63 -0.03 -3.39
CA SER A 9 -12.29 0.50 -2.17
C SER A 9 -11.27 1.32 -1.37
N ILE A 10 -11.43 1.39 -0.07
CA ILE A 10 -10.46 2.17 0.75
C ILE A 10 -9.47 1.22 1.41
N CYS A 11 -8.22 1.57 1.45
CA CYS A 11 -7.20 0.68 2.08
C CYS A 11 -6.63 1.37 3.32
N SER A 12 -5.96 0.62 4.15
CA SER A 12 -5.36 1.22 5.38
C SER A 12 -3.86 0.93 5.42
N LEU A 13 -3.05 1.93 5.58
CA LEU A 13 -1.58 1.71 5.62
C LEU A 13 -1.25 0.58 6.58
N TYR A 14 -2.13 0.27 7.50
CA TYR A 14 -1.86 -0.82 8.47
C TYR A 14 -1.98 -2.17 7.75
N GLN A 15 -3.05 -2.36 7.06
CA GLN A 15 -3.25 -3.65 6.33
C GLN A 15 -2.35 -3.66 5.10
N LEU A 16 -2.04 -2.50 4.60
CA LEU A 16 -1.17 -2.40 3.41
C LEU A 16 0.28 -2.63 3.85
N GLU A 17 0.57 -2.34 5.08
CA GLU A 17 1.96 -2.53 5.58
C GLU A 17 2.30 -4.03 5.58
N ASN A 18 1.32 -4.86 5.35
CA ASN A 18 1.59 -6.33 5.35
C ASN A 18 2.40 -6.70 4.11
N TYR A 19 2.43 -5.84 3.13
CA TYR A 19 3.21 -6.14 1.89
C TYR A 19 4.67 -5.70 2.07
N CYS A 20 5.00 -5.19 3.23
CA CYS A 20 6.40 -4.75 3.48
C CYS A 20 7.29 -5.96 3.75
N ASN A 21 8.56 -5.85 3.47
CA ASN A 21 9.47 -7.01 3.71
C ASN A 21 9.54 -7.28 5.22
N PHE B 1 -4.26 8.62 8.56
CA PHE B 1 -4.61 8.71 7.12
C PHE B 1 -5.91 9.51 6.96
N VAL B 2 -6.60 9.34 5.86
CA VAL B 2 -7.86 10.09 5.65
C VAL B 2 -8.85 9.22 4.90
N ASN B 3 -8.68 7.92 4.96
CA ASN B 3 -9.63 7.01 4.24
C ASN B 3 -9.68 7.40 2.76
N GLN B 4 -8.96 6.69 1.93
CA GLN B 4 -8.98 7.02 0.47
C GLN B 4 -8.56 5.79 -0.33
N HIS B 5 -8.81 5.79 -1.61
CA HIS B 5 -8.44 4.62 -2.45
C HIS B 5 -6.98 4.77 -2.91
N LEU B 6 -6.22 3.72 -2.82
CA LEU B 6 -4.79 3.79 -3.25
C LEU B 6 -4.63 3.05 -4.59
N CYS B 7 -3.79 3.56 -5.46
CA CYS B 7 -3.59 2.89 -6.77
C CYS B 7 -2.29 3.39 -7.42
N GLY B 8 -1.51 2.50 -7.96
CA GLY B 8 -0.24 2.94 -8.61
C GLY B 8 0.84 3.15 -7.55
N SER B 9 1.68 4.13 -7.72
CA SER B 9 2.75 4.38 -6.72
C SER B 9 2.12 4.74 -5.38
N ASP B 10 0.84 5.03 -5.37
CA ASP B 10 0.17 5.37 -4.09
C ASP B 10 0.30 4.20 -3.12
N LEU B 11 0.51 3.02 -3.64
CA LEU B 11 0.66 1.83 -2.76
C LEU B 11 2.00 1.92 -2.03
N VAL B 12 3.07 2.14 -2.74
CA VAL B 12 4.39 2.24 -2.06
C VAL B 12 4.38 3.45 -1.14
N GLU B 13 3.39 4.30 -1.28
CA GLU B 13 3.32 5.50 -0.39
C GLU B 13 2.86 5.00 0.98
N ALA B 14 1.77 4.29 1.00
CA ALA B 14 1.28 3.75 2.29
C ALA B 14 2.40 2.89 2.89
N LEU B 15 3.20 2.31 2.05
CA LEU B 15 4.34 1.47 2.54
C LEU B 15 5.50 2.38 2.89
N TYR B 16 5.81 3.30 2.02
CA TYR B 16 6.93 4.24 2.29
C TYR B 16 6.91 4.69 3.75
N LEU B 17 5.77 4.68 4.37
CA LEU B 17 5.69 5.13 5.78
C LEU B 17 5.65 3.93 6.75
N VAL B 18 4.66 3.10 6.64
CA VAL B 18 4.54 1.93 7.56
C VAL B 18 5.92 1.33 7.82
N CYS B 19 6.68 1.12 6.79
CA CYS B 19 8.03 0.54 6.96
C CYS B 19 9.07 1.63 6.76
N GLY B 20 9.17 2.14 5.56
CA GLY B 20 10.16 3.21 5.30
C GLY B 20 11.26 2.70 4.37
N GLU B 21 12.49 2.76 4.80
CA GLU B 21 13.60 2.26 3.94
C GLU B 21 13.73 0.75 4.07
N ARG B 22 12.82 0.13 4.79
CA ARG B 22 12.89 -1.35 4.95
C ARG B 22 12.75 -2.02 3.57
N GLY B 23 12.31 -1.26 2.59
CA GLY B 23 12.15 -1.84 1.22
C GLY B 23 10.85 -2.66 1.17
N PHE B 24 9.72 -2.00 1.14
CA PHE B 24 8.44 -2.74 1.09
C PHE B 24 8.47 -3.74 -0.06
N PHE B 25 7.59 -4.70 -0.05
CA PHE B 25 7.58 -5.71 -1.15
C PHE B 25 6.38 -5.46 -2.07
N TYR B 26 6.05 -4.21 -2.29
CA TYR B 26 4.89 -3.91 -3.18
C TYR B 26 5.19 -4.45 -4.58
N THR B 27 4.21 -4.42 -5.43
CA THR B 27 4.39 -4.94 -6.81
C THR B 27 5.13 -3.89 -7.65
N LYS B 28 5.39 -4.22 -8.90
CA LYS B 28 6.10 -3.25 -9.78
C LYS B 28 5.26 -1.97 -9.92
N PRO B 29 5.74 -1.07 -10.74
CA PRO B 29 5.08 0.22 -10.98
C PRO B 29 4.04 0.10 -12.10
N THR B 30 3.78 -1.10 -12.55
CA THR B 30 2.78 -1.28 -13.64
C THR B 30 1.73 -2.31 -13.20
#